data_3BVX
#
_entry.id   3BVX
#
_cell.length_a   68.805
_cell.length_b   109.547
_cell.length_c   138.522
_cell.angle_alpha   90.000
_cell.angle_beta   90.000
_cell.angle_gamma   90.000
#
_symmetry.space_group_name_H-M   'P 21 21 21'
#
loop_
_entity.id
_entity.type
_entity.pdbx_description
1 polymer 'Alpha-mannosidase 2'
2 branched '2-acetamido-2-deoxy-beta-D-glucopyranose-(1-2)-alpha-D-mannopyranose-(1-3)-[alpha-D-mannopyranose-(1-6)-alpha-D-mannopyranose-(1-6)]methyl beta-D-mannopyranoside'
3 non-polymer 'ZINC ION'
4 non-polymer (4S)-2-METHYL-2,4-PENTANEDIOL
5 water water
#
_entity_poly.entity_id   1
_entity_poly.type   'polypeptide(L)'
_entity_poly.pdbx_seq_one_letter_code
;RSSHHHHHHGEFDDPIRPPLKVARSPRPGQCQDVVQDVPNVDVQMLELYDRMSFKDIDGGVWKQGWNIKYDPLKYNAHHK
LKVFVVPHSHNDPGWIQTFEEYYQHDTKHILSNALRHLHDNPEMKFIWAEISYFARFYHDLGENKKLQMKSIVKNGQLEF
VTGGWVMPDEANSHWRNVLLQLTEGQTWLKQFMNVTPTASWAIAPFGHSPTMPYILQKSGFKNMLIQRTHYSVKKELAQQ
RQLEFLWRQIWDNKGDTALFTHMMPFYSYDIPHTCGPDPKVCCQFDFKRMGSFGLSCPWKVPPRTISDQNVAARSDLLVD
QWKKKAELYRTNVLLIPLGDDFRFKQNTEWDVQRVNYERLFEHINSQAHFNVQAQFGTLQEYFDAVHQAERAGQAEFPTL
SGDFFTYADRSDNYWSGYYTSRPYHKRMDRVLMHYVRAAEMLSAWHSWDGMARIEERLEQARRELSLFQHHDGITGTAKT
HVVVDYEQRMQEALKACQMVMQQSVYRLLTKPSIYSPDFSFSYFTLDDSRWPGSGVEDSRTTIILGEDILPSKHVVMHNT
LPHWREQLVDFYVSSPFVSVTDLANNPVEAQVSPVWSWHHDTLTKTIHPQGSTTKYRIIFKARVPPMGLATYVLTISDSK
PEHTSYASNLLLRKNPTSLPLGQYPEDVKFGDPREISLRVGNGPTLAFSEQGLLKSIQLTQDSPHVPVHFKFLKYGVRSH
GDRSGAYLFLPNGPASPVELGQPVVLVTKGKLESSVSVGLPSVVHQTIMRGGAPEIRNLVDIGSLDNTEIVMRLETHIDS
GDIFYTDLNGLQFIKRRRLDKLPLQANYYPIPSGMFIEDANTRLTLLTGQPLGGSSLASGELEIMQDRRLASDDERGLGQ
GVLDNKPVLHIYRLVLEKVNNCVRPSKLHPAGYLTSAAHKASQSLLDPLDKFIFAENEWIGAQGQFGGDHPSAREDLDVS
VMRRLTKSSAKTQRVGYVLHRTNLMQCGTPEEHTQKLDVCHLLPNVARCERTTLTFLQNLEHLDGMVAPEVCPMETAAYV
SSHSS
;
_entity_poly.pdbx_strand_id   A
#
# COMPACT_ATOMS: atom_id res chain seq x y z
N GLN A 30 -25.89 2.75 -16.84
CA GLN A 30 -25.40 4.11 -17.05
C GLN A 30 -23.98 4.33 -16.57
N CYS A 31 -22.98 3.49 -16.92
CA CYS A 31 -21.67 3.70 -16.34
C CYS A 31 -21.09 5.00 -16.87
N GLN A 32 -20.39 5.78 -16.04
CA GLN A 32 -19.66 6.95 -16.49
C GLN A 32 -18.49 6.50 -17.37
N ASP A 33 -18.20 7.26 -18.41
CA ASP A 33 -17.02 7.06 -19.25
C ASP A 33 -15.80 7.63 -18.54
N VAL A 34 -14.81 6.80 -18.25
CA VAL A 34 -13.67 7.27 -17.45
C VAL A 34 -12.49 7.66 -18.36
N VAL A 35 -12.72 7.59 -19.66
CA VAL A 35 -11.62 7.88 -20.60
C VAL A 35 -11.78 9.18 -21.36
N GLN A 36 -12.98 9.45 -21.85
CA GLN A 36 -13.13 10.42 -22.95
C GLN A 36 -13.65 11.75 -22.50
N ASP A 37 -14.06 11.93 -21.29
CA ASP A 37 -14.61 13.18 -20.77
C ASP A 37 -13.62 13.76 -19.77
N VAL A 38 -12.99 14.87 -20.02
CA VAL A 38 -12.06 15.47 -19.05
C VAL A 38 -12.86 16.20 -17.99
N PRO A 39 -12.81 15.83 -16.73
CA PRO A 39 -13.60 16.55 -15.74
C PRO A 39 -13.23 18.01 -15.65
N ASN A 40 -14.28 18.82 -15.38
CA ASN A 40 -14.09 20.23 -15.12
C ASN A 40 -14.09 20.43 -13.62
N VAL A 41 -12.90 20.77 -13.08
CA VAL A 41 -12.76 20.96 -11.64
C VAL A 41 -12.10 22.33 -11.44
N ASP A 42 -12.30 22.92 -10.25
CA ASP A 42 -11.67 24.20 -9.98
C ASP A 42 -10.17 24.08 -9.83
N VAL A 43 -9.70 23.02 -9.20
CA VAL A 43 -8.27 22.81 -9.00
C VAL A 43 -7.97 21.41 -9.51
N GLN A 44 -7.11 21.30 -10.50
CA GLN A 44 -6.62 20.01 -10.96
C GLN A 44 -5.12 19.99 -10.68
N MET A 45 -4.65 19.08 -9.83
CA MET A 45 -3.30 19.28 -9.28
C MET A 45 -2.21 19.20 -10.33
N LEU A 46 -2.36 18.42 -11.39
CA LEU A 46 -1.29 18.43 -12.40
C LEU A 46 -1.26 19.80 -13.08
N GLU A 47 -2.43 20.34 -13.38
N GLU A 47 -2.43 20.36 -13.37
CA GLU A 47 -2.45 21.67 -14.01
CA GLU A 47 -2.49 21.67 -14.04
C GLU A 47 -1.85 22.69 -13.05
C GLU A 47 -1.99 22.75 -13.09
N LEU A 48 -2.25 22.62 -11.78
CA LEU A 48 -1.72 23.58 -10.82
C LEU A 48 -0.21 23.49 -10.75
N TYR A 49 0.33 22.29 -10.71
CA TYR A 49 1.77 22.11 -10.71
C TYR A 49 2.44 22.75 -11.92
N ASP A 50 1.76 22.64 -13.07
CA ASP A 50 2.40 23.18 -14.31
C ASP A 50 2.52 24.69 -14.21
N ARG A 51 1.49 25.30 -13.69
N ARG A 51 1.44 25.23 -13.66
CA ARG A 51 1.40 26.78 -13.81
CA ARG A 51 1.35 26.70 -13.78
C ARG A 51 1.97 27.42 -12.57
C ARG A 51 1.92 27.35 -12.54
N MET A 52 2.15 26.68 -11.46
CA MET A 52 2.72 27.18 -10.18
CA MET A 52 2.75 27.06 -10.14
C MET A 52 4.25 27.40 -9.96
N SER A 53 4.70 28.36 -9.14
CA SER A 53 6.12 28.69 -9.10
C SER A 53 7.05 27.96 -8.09
N PHE A 54 6.54 27.52 -6.94
CA PHE A 54 7.43 26.80 -6.04
C PHE A 54 8.62 27.61 -5.49
N LYS A 55 8.63 28.93 -5.65
CA LYS A 55 9.68 29.69 -4.96
C LYS A 55 9.51 29.64 -3.45
N ASP A 56 10.65 29.47 -2.78
CA ASP A 56 10.69 29.26 -1.33
C ASP A 56 11.15 30.56 -0.70
N ILE A 57 10.20 31.48 -0.54
CA ILE A 57 10.48 32.81 -0.03
C ILE A 57 10.11 32.92 1.45
N ASP A 58 10.91 33.66 2.21
CA ASP A 58 10.63 33.89 3.63
C ASP A 58 9.35 34.69 3.82
N GLY A 59 8.38 34.07 4.48
CA GLY A 59 7.04 34.63 4.53
C GLY A 59 6.82 35.48 5.76
N GLY A 60 7.82 35.53 6.63
CA GLY A 60 7.71 36.23 7.92
C GLY A 60 7.48 35.16 9.01
N VAL A 61 6.69 35.52 10.04
CA VAL A 61 6.48 34.55 11.10
C VAL A 61 5.82 33.24 10.54
N TRP A 62 4.92 33.37 9.56
CA TRP A 62 4.45 32.20 8.79
C TRP A 62 5.54 32.03 7.72
N LYS A 63 6.49 31.14 7.96
CA LYS A 63 7.69 31.14 7.16
C LYS A 63 7.43 30.82 5.72
N GLN A 64 6.40 30.02 5.46
CA GLN A 64 6.09 29.58 4.07
C GLN A 64 4.82 30.20 3.55
N GLY A 65 4.35 31.26 4.23
CA GLY A 65 3.12 31.94 3.82
C GLY A 65 3.40 33.45 3.59
N TRP A 66 2.56 34.25 4.22
CA TRP A 66 2.65 35.71 4.16
C TRP A 66 2.07 36.22 5.46
N ASN A 67 2.23 37.53 5.70
CA ASN A 67 1.64 38.16 6.88
C ASN A 67 0.14 38.35 6.68
N ILE A 68 -0.68 37.51 7.28
CA ILE A 68 -2.11 37.57 7.08
C ILE A 68 -2.71 38.78 7.76
N LYS A 69 -3.59 39.42 6.98
CA LYS A 69 -4.32 40.57 7.51
C LYS A 69 -5.80 40.25 7.52
N TYR A 70 -6.55 40.83 8.49
CA TYR A 70 -8.01 40.60 8.51
C TYR A 70 -8.67 41.94 8.84
N ASP A 71 -9.93 42.02 8.45
CA ASP A 71 -10.71 43.22 8.80
C ASP A 71 -11.37 42.98 10.14
N PRO A 72 -11.10 43.73 11.18
CA PRO A 72 -11.72 43.39 12.48
C PRO A 72 -13.25 43.44 12.39
N LEU A 73 -13.77 44.21 11.44
CA LEU A 73 -15.22 44.37 11.34
C LEU A 73 -15.88 43.18 10.65
N LYS A 74 -15.12 42.18 10.21
CA LYS A 74 -15.76 41.01 9.60
C LYS A 74 -16.70 40.25 10.51
N TYR A 75 -16.31 40.07 11.77
N TYR A 75 -16.31 40.10 11.77
CA TYR A 75 -17.21 39.48 12.73
CA TYR A 75 -17.15 39.44 12.74
C TYR A 75 -17.81 40.54 13.61
C TYR A 75 -17.78 40.51 13.64
N ASN A 76 -19.03 40.31 14.02
CA ASN A 76 -19.75 41.32 14.78
C ASN A 76 -20.87 40.56 15.46
N ALA A 77 -21.76 41.26 16.12
CA ALA A 77 -22.78 40.55 16.89
C ALA A 77 -23.64 39.60 16.06
N HIS A 78 -23.89 39.88 14.78
CA HIS A 78 -24.77 38.94 14.10
C HIS A 78 -23.98 37.91 13.33
N HIS A 79 -22.67 37.90 13.46
CA HIS A 79 -21.83 37.04 12.66
C HIS A 79 -20.52 36.81 13.41
N LYS A 80 -20.58 35.86 14.31
CA LYS A 80 -19.48 35.55 15.21
C LYS A 80 -18.59 34.48 14.62
N LEU A 81 -17.36 34.44 15.10
CA LEU A 81 -16.43 33.37 14.67
C LEU A 81 -16.64 32.25 15.68
N LYS A 82 -16.97 31.07 15.21
N LYS A 82 -17.02 31.09 15.19
CA LYS A 82 -17.20 29.92 16.11
CA LYS A 82 -17.20 29.89 16.01
C LYS A 82 -16.01 28.98 16.04
C LYS A 82 -15.86 29.15 15.99
N VAL A 83 -15.31 28.88 17.16
CA VAL A 83 -13.98 28.23 17.22
C VAL A 83 -14.11 26.89 17.96
N PHE A 84 -13.68 25.83 17.29
CA PHE A 84 -13.68 24.49 17.91
C PHE A 84 -12.23 24.09 18.19
N VAL A 85 -11.89 24.01 19.46
CA VAL A 85 -10.56 23.55 19.86
C VAL A 85 -10.68 22.05 20.08
N VAL A 86 -9.93 21.28 19.32
CA VAL A 86 -10.14 19.80 19.28
C VAL A 86 -8.90 19.11 19.84
N PRO A 87 -8.97 18.67 21.11
CA PRO A 87 -7.81 18.00 21.72
C PRO A 87 -7.57 16.65 21.07
N HIS A 88 -6.29 16.32 20.88
CA HIS A 88 -5.94 15.05 20.20
C HIS A 88 -4.57 14.64 20.65
N SER A 89 -4.24 13.37 20.34
CA SER A 89 -2.98 12.77 20.73
C SER A 89 -2.54 11.81 19.62
N HIS A 90 -1.44 12.12 18.97
CA HIS A 90 -1.01 11.28 17.84
C HIS A 90 -0.25 10.10 18.42
N ASN A 91 -0.77 8.89 18.23
CA ASN A 91 -0.17 7.68 18.80
C ASN A 91 0.30 6.76 17.70
N ASP A 92 1.60 6.76 17.44
CA ASP A 92 2.17 5.91 16.39
C ASP A 92 2.14 4.45 16.82
N PRO A 93 1.55 3.55 16.10
CA PRO A 93 1.62 2.09 16.41
C PRO A 93 2.93 1.51 15.95
N GLY A 94 3.99 1.93 16.64
CA GLY A 94 5.39 1.65 16.29
C GLY A 94 5.98 2.84 15.56
N TRP A 95 7.22 3.17 15.92
CA TRP A 95 8.02 4.18 15.21
C TRP A 95 9.40 4.17 15.87
N ILE A 96 9.58 4.89 16.97
CA ILE A 96 10.85 4.85 17.70
C ILE A 96 10.84 3.81 18.82
N GLN A 97 9.65 3.35 19.20
N GLN A 97 9.62 3.36 19.09
CA GLN A 97 9.48 2.22 20.07
CA GLN A 97 9.30 2.31 20.03
C GLN A 97 8.53 1.27 19.32
C GLN A 97 8.38 1.30 19.35
N THR A 98 8.41 0.03 19.76
CA THR A 98 7.44 -0.90 19.18
C THR A 98 6.04 -0.53 19.67
N PHE A 99 5.04 -1.08 18.99
CA PHE A 99 3.68 -0.94 19.42
C PHE A 99 3.55 -1.27 20.92
N GLU A 100 4.06 -2.42 21.34
CA GLU A 100 3.82 -2.77 22.74
C GLU A 100 4.58 -1.89 23.71
N GLU A 101 5.80 -1.45 23.32
CA GLU A 101 6.55 -0.56 24.16
C GLU A 101 5.84 0.78 24.34
N TYR A 102 5.38 1.38 23.24
CA TYR A 102 4.58 2.59 23.36
C TYR A 102 3.31 2.36 24.18
N TYR A 103 2.66 1.22 23.96
CA TYR A 103 1.42 0.96 24.69
C TYR A 103 1.70 0.98 26.21
N GLN A 104 2.77 0.28 26.61
CA GLN A 104 3.07 0.18 28.07
C GLN A 104 3.57 1.50 28.62
N HIS A 105 4.38 2.25 27.87
N HIS A 105 4.37 2.22 27.86
CA HIS A 105 5.03 3.46 28.39
CA HIS A 105 5.00 3.42 28.39
C HIS A 105 4.22 4.73 28.23
C HIS A 105 4.13 4.67 28.29
N ASP A 106 3.26 4.71 27.28
CA ASP A 106 2.55 5.97 26.93
C ASP A 106 1.08 5.73 26.75
N THR A 107 0.69 4.91 25.74
CA THR A 107 -0.71 4.95 25.31
C THR A 107 -1.68 4.42 26.36
N LYS A 108 -1.30 3.42 27.14
CA LYS A 108 -2.30 2.96 28.13
C LYS A 108 -2.56 4.03 29.16
N HIS A 109 -1.53 4.84 29.42
CA HIS A 109 -1.76 5.97 30.36
C HIS A 109 -2.58 7.10 29.75
N ILE A 110 -2.31 7.41 28.47
CA ILE A 110 -3.15 8.42 27.80
C ILE A 110 -4.58 7.99 27.82
N LEU A 111 -4.87 6.74 27.50
CA LEU A 111 -6.29 6.34 27.42
C LEU A 111 -6.90 6.21 28.79
N SER A 112 -6.16 5.73 29.79
N SER A 112 -6.16 5.73 29.78
CA SER A 112 -6.68 5.64 31.14
CA SER A 112 -6.70 5.66 31.14
C SER A 112 -7.00 7.00 31.72
C SER A 112 -7.08 7.06 31.61
N ASN A 113 -6.11 7.97 31.45
CA ASN A 113 -6.34 9.32 31.99
C ASN A 113 -7.36 10.05 31.14
N ALA A 114 -7.48 9.79 29.85
CA ALA A 114 -8.58 10.39 29.08
C ALA A 114 -9.91 9.90 29.66
N LEU A 115 -10.02 8.63 29.98
CA LEU A 115 -11.29 8.15 30.51
C LEU A 115 -11.64 8.87 31.78
N ARG A 116 -10.67 8.98 32.67
CA ARG A 116 -10.90 9.67 33.93
C ARG A 116 -11.25 11.14 33.71
N HIS A 117 -10.44 11.86 32.93
N HIS A 117 -10.41 11.84 32.96
CA HIS A 117 -10.64 13.32 32.86
CA HIS A 117 -10.64 13.30 32.89
C HIS A 117 -11.83 13.71 32.03
C HIS A 117 -11.92 13.60 32.14
N LEU A 118 -12.20 12.93 31.01
CA LEU A 118 -13.43 13.19 30.28
C LEU A 118 -14.64 12.87 31.17
N HIS A 119 -14.58 11.76 31.89
CA HIS A 119 -15.66 11.40 32.80
C HIS A 119 -15.92 12.55 33.77
N ASP A 120 -14.86 13.12 34.34
CA ASP A 120 -14.98 14.11 35.38
C ASP A 120 -15.23 15.55 34.90
N ASN A 121 -15.06 15.81 33.62
CA ASN A 121 -15.15 17.13 33.05
C ASN A 121 -16.02 17.11 31.81
N PRO A 122 -17.32 17.24 31.97
CA PRO A 122 -18.25 16.98 30.89
C PRO A 122 -18.08 17.83 29.64
N GLU A 123 -17.47 18.99 29.74
CA GLU A 123 -17.33 19.81 28.52
C GLU A 123 -16.03 19.50 27.79
N MET A 124 -15.14 18.73 28.42
CA MET A 124 -13.88 18.41 27.73
C MET A 124 -14.15 17.38 26.64
N LYS A 125 -13.38 17.45 25.57
CA LYS A 125 -13.53 16.56 24.44
C LYS A 125 -12.17 16.01 24.03
N PHE A 126 -12.17 14.95 23.22
CA PHE A 126 -10.92 14.30 22.77
C PHE A 126 -11.27 13.45 21.55
N ILE A 127 -10.39 13.45 20.55
CA ILE A 127 -10.59 12.57 19.39
C ILE A 127 -9.49 11.49 19.37
N TRP A 128 -9.86 10.34 18.83
CA TRP A 128 -8.94 9.19 18.82
C TRP A 128 -8.96 8.55 17.46
N ALA A 129 -7.79 8.25 16.89
CA ALA A 129 -7.71 7.71 15.52
C ALA A 129 -7.29 6.25 15.45
N GLU A 130 -6.34 5.78 16.29
CA GLU A 130 -5.66 4.48 16.03
C GLU A 130 -6.39 3.38 16.81
N ILE A 131 -7.19 2.59 16.10
CA ILE A 131 -8.00 1.57 16.84
C ILE A 131 -7.14 0.40 17.28
N SER A 132 -6.01 0.13 16.66
CA SER A 132 -5.14 -0.92 17.20
C SER A 132 -4.83 -0.69 18.67
N TYR A 133 -4.51 0.55 19.04
CA TYR A 133 -4.25 0.83 20.45
C TYR A 133 -5.51 0.81 21.28
N PHE A 134 -6.59 1.36 20.76
CA PHE A 134 -7.82 1.42 21.57
C PHE A 134 -8.33 0.04 21.85
N ALA A 135 -8.30 -0.86 20.88
CA ALA A 135 -8.76 -2.23 21.12
C ALA A 135 -7.85 -2.91 22.15
N ARG A 136 -6.55 -2.67 22.09
N ARG A 136 -6.55 -2.67 22.09
CA ARG A 136 -5.61 -3.26 23.05
CA ARG A 136 -5.61 -3.26 23.05
C ARG A 136 -5.92 -2.80 24.47
C ARG A 136 -5.92 -2.80 24.47
N PHE A 137 -6.23 -1.51 24.61
CA PHE A 137 -6.61 -0.94 25.91
C PHE A 137 -7.94 -1.42 26.42
N TYR A 138 -8.99 -1.34 25.56
N TYR A 138 -8.96 -1.36 25.53
CA TYR A 138 -10.35 -1.58 26.05
CA TYR A 138 -10.31 -1.75 25.90
C TYR A 138 -10.53 -3.03 26.43
C TYR A 138 -10.30 -3.14 26.50
N HIS A 139 -9.80 -3.92 25.74
N HIS A 139 -9.87 -4.11 25.70
CA HIS A 139 -9.98 -5.33 26.12
CA HIS A 139 -9.87 -5.49 26.12
C HIS A 139 -9.39 -5.57 27.48
C HIS A 139 -9.20 -5.78 27.44
N ASP A 140 -8.36 -4.87 27.94
CA ASP A 140 -7.78 -5.05 29.25
C ASP A 140 -8.53 -4.33 30.36
N LEU A 141 -9.50 -3.49 30.06
CA LEU A 141 -10.33 -2.82 31.07
C LEU A 141 -11.31 -3.77 31.75
N GLY A 142 -11.49 -3.54 33.04
CA GLY A 142 -12.57 -4.20 33.76
C GLY A 142 -13.88 -3.63 33.30
N GLU A 143 -14.92 -4.41 33.59
CA GLU A 143 -16.24 -4.05 33.06
C GLU A 143 -16.73 -2.69 33.45
N ASN A 144 -16.51 -2.25 34.70
CA ASN A 144 -16.96 -0.91 35.15
C ASN A 144 -16.36 0.18 34.28
N LYS A 145 -15.05 0.05 34.02
CA LYS A 145 -14.41 1.03 33.14
C LYS A 145 -14.82 0.90 31.69
N LYS A 146 -15.07 -0.31 31.18
CA LYS A 146 -15.63 -0.46 29.82
C LYS A 146 -16.93 0.30 29.75
N LEU A 147 -17.82 0.18 30.74
CA LEU A 147 -19.08 0.87 30.68
C LEU A 147 -18.88 2.39 30.74
N GLN A 148 -17.95 2.85 31.58
CA GLN A 148 -17.62 4.28 31.63
C GLN A 148 -17.12 4.78 30.26
N MET A 149 -16.31 3.96 29.62
CA MET A 149 -15.77 4.38 28.31
C MET A 149 -16.91 4.45 27.33
N LYS A 150 -17.79 3.44 27.31
CA LYS A 150 -18.90 3.47 26.35
C LYS A 150 -19.75 4.70 26.58
N SER A 151 -19.89 5.16 27.82
N SER A 151 -19.88 5.13 27.83
CA SER A 151 -20.70 6.33 28.12
CA SER A 151 -20.69 6.32 28.05
C SER A 151 -20.09 7.66 27.71
C SER A 151 -20.08 7.59 27.51
N ILE A 152 -18.77 7.79 27.67
CA ILE A 152 -18.18 9.05 27.15
C ILE A 152 -18.11 9.02 25.62
N VAL A 153 -18.20 7.85 24.99
CA VAL A 153 -18.31 7.78 23.52
C VAL A 153 -19.73 8.09 23.12
N LYS A 154 -20.66 7.44 23.80
CA LYS A 154 -22.07 7.63 23.50
C LYS A 154 -22.50 9.08 23.70
N ASN A 155 -21.96 9.77 24.68
N ASN A 155 -21.93 9.78 24.64
CA ASN A 155 -22.33 11.18 24.95
CA ASN A 155 -22.37 11.12 24.87
C ASN A 155 -21.53 12.22 24.15
C ASN A 155 -21.53 12.20 24.17
N GLY A 156 -20.63 11.73 23.33
CA GLY A 156 -19.93 12.56 22.37
C GLY A 156 -18.66 13.22 22.86
N GLN A 157 -18.19 12.88 24.06
CA GLN A 157 -16.98 13.51 24.56
C GLN A 157 -15.74 12.91 23.89
N LEU A 158 -15.78 11.59 23.79
N LEU A 158 -15.66 11.58 23.79
CA LEU A 158 -14.79 10.79 23.11
CA LEU A 158 -14.53 10.92 23.13
C LEU A 158 -15.28 10.59 21.67
C LEU A 158 -15.07 10.48 21.76
N GLU A 159 -14.49 11.00 20.68
CA GLU A 159 -14.95 10.71 19.35
C GLU A 159 -13.87 10.05 18.52
N PHE A 160 -14.25 8.94 17.90
CA PHE A 160 -13.30 8.25 17.01
C PHE A 160 -13.31 8.97 15.65
N VAL A 161 -12.12 9.16 15.13
CA VAL A 161 -11.90 9.78 13.81
C VAL A 161 -11.21 8.76 12.94
N THR A 162 -11.76 8.57 11.74
CA THR A 162 -11.39 7.53 10.77
C THR A 162 -11.78 6.15 11.33
N GLY A 163 -11.17 5.73 12.41
CA GLY A 163 -11.54 4.42 13.00
C GLY A 163 -10.82 3.29 12.30
N GLY A 164 -9.74 3.55 11.54
CA GLY A 164 -8.92 2.45 11.06
C GLY A 164 -8.04 1.85 12.17
N TRP A 165 -7.54 0.64 11.88
CA TRP A 165 -6.57 0.06 12.82
C TRP A 165 -5.37 1.00 13.03
N VAL A 166 -4.99 1.69 11.97
CA VAL A 166 -3.86 2.63 12.00
C VAL A 166 -4.28 3.86 11.20
N MET A 167 -3.38 4.84 11.11
CA MET A 167 -3.47 5.97 10.17
C MET A 167 -2.46 5.60 9.08
N PRO A 168 -2.93 5.02 7.99
CA PRO A 168 -1.94 4.38 7.09
C PRO A 168 -1.16 5.39 6.27
N ASP A 169 0.02 4.91 5.88
CA ASP A 169 0.70 5.49 4.72
C ASP A 169 -0.26 5.53 3.53
N GLU A 170 -0.12 6.55 2.70
CA GLU A 170 -0.92 6.68 1.51
C GLU A 170 -0.13 6.50 0.23
N ALA A 171 1.21 6.40 0.33
CA ALA A 171 2.05 6.26 -0.87
C ALA A 171 2.31 4.84 -1.27
N ASN A 172 2.75 4.01 -0.33
CA ASN A 172 3.18 2.65 -0.66
C ASN A 172 2.08 1.62 -0.47
N SER A 173 1.07 1.97 0.29
CA SER A 173 0.00 1.01 0.63
C SER A 173 -0.85 0.67 -0.56
N HIS A 174 -1.20 -0.62 -0.63
CA HIS A 174 -2.16 -1.03 -1.67
C HIS A 174 -3.57 -0.71 -1.16
N TRP A 175 -4.43 -0.28 -2.09
CA TRP A 175 -5.80 0.08 -1.66
C TRP A 175 -6.47 -1.11 -0.95
N ARG A 176 -6.16 -2.34 -1.35
CA ARG A 176 -6.81 -3.48 -0.67
C ARG A 176 -6.47 -3.49 0.82
N ASN A 177 -5.21 -3.13 1.13
CA ASN A 177 -4.80 -3.13 2.54
C ASN A 177 -5.26 -1.88 3.28
N VAL A 178 -5.38 -0.77 2.57
CA VAL A 178 -6.02 0.41 3.22
C VAL A 178 -7.44 0.02 3.63
N LEU A 179 -8.17 -0.64 2.72
CA LEU A 179 -9.51 -1.10 3.10
C LEU A 179 -9.47 -2.14 4.19
N LEU A 180 -8.51 -3.06 4.15
CA LEU A 180 -8.45 -4.07 5.19
C LEU A 180 -8.30 -3.44 6.55
N GLN A 181 -7.38 -2.50 6.68
CA GLN A 181 -7.14 -1.94 8.03
C GLN A 181 -8.30 -1.06 8.48
N LEU A 182 -8.90 -0.34 7.52
CA LEU A 182 -10.08 0.48 7.86
C LEU A 182 -11.21 -0.45 8.39
N THR A 183 -11.40 -1.56 7.66
CA THR A 183 -12.47 -2.50 8.08
C THR A 183 -12.12 -3.11 9.43
N GLU A 184 -10.85 -3.41 9.68
CA GLU A 184 -10.51 -4.06 10.97
C GLU A 184 -10.83 -3.11 12.11
N GLY A 185 -10.45 -1.84 11.98
CA GLY A 185 -10.76 -0.92 13.07
C GLY A 185 -12.25 -0.63 13.17
N GLN A 186 -12.92 -0.43 12.01
CA GLN A 186 -14.33 -0.01 12.15
C GLN A 186 -15.19 -1.19 12.57
N THR A 187 -14.83 -2.41 12.21
CA THR A 187 -15.63 -3.57 12.66
C THR A 187 -15.51 -3.64 14.18
N TRP A 188 -14.34 -3.43 14.73
CA TRP A 188 -14.14 -3.44 16.18
C TRP A 188 -14.99 -2.35 16.80
N LEU A 189 -14.92 -1.13 16.25
CA LEU A 189 -15.70 -0.03 16.82
C LEU A 189 -17.20 -0.32 16.76
N LYS A 190 -17.68 -0.89 15.67
N LYS A 190 -17.67 -0.91 15.68
CA LYS A 190 -19.13 -1.18 15.65
CA LYS A 190 -19.13 -1.16 15.62
C LYS A 190 -19.47 -2.17 16.77
C LYS A 190 -19.53 -2.21 16.65
N GLN A 191 -18.72 -3.25 16.84
CA GLN A 191 -19.02 -4.30 17.78
C GLN A 191 -18.97 -3.82 19.21
N PHE A 192 -17.92 -3.08 19.55
CA PHE A 192 -17.67 -2.77 20.94
C PHE A 192 -18.13 -1.40 21.39
N MET A 193 -18.10 -0.42 20.50
N MET A 193 -18.12 -0.43 20.48
CA MET A 193 -18.45 0.96 20.85
CA MET A 193 -18.49 0.92 20.89
C MET A 193 -19.77 1.38 20.20
C MET A 193 -19.74 1.40 20.17
N ASN A 194 -20.31 0.61 19.27
CA ASN A 194 -21.52 0.93 18.55
C ASN A 194 -21.43 2.29 17.86
N VAL A 195 -20.31 2.53 17.21
CA VAL A 195 -20.17 3.78 16.43
C VAL A 195 -19.40 3.49 15.16
N THR A 196 -19.68 4.29 14.12
CA THR A 196 -18.96 4.18 12.85
C THR A 196 -18.57 5.60 12.44
N PRO A 197 -17.30 5.98 12.52
CA PRO A 197 -16.92 7.33 12.14
C PRO A 197 -17.27 7.63 10.69
N THR A 198 -17.65 8.90 10.46
CA THR A 198 -17.89 9.38 9.11
C THR A 198 -16.98 10.58 8.78
N ALA A 199 -16.09 10.94 9.69
CA ALA A 199 -15.05 11.94 9.44
C ALA A 199 -13.70 11.26 9.62
N SER A 200 -12.78 11.54 8.69
CA SER A 200 -11.44 10.98 8.71
C SER A 200 -10.45 12.04 9.12
N TRP A 201 -9.42 11.61 9.85
CA TRP A 201 -8.33 12.45 10.35
C TRP A 201 -7.00 11.83 9.95
N ALA A 202 -6.28 12.49 9.06
CA ALA A 202 -4.98 11.96 8.52
C ALA A 202 -3.98 13.08 8.60
N ILE A 203 -3.47 13.31 9.82
CA ILE A 203 -2.55 14.43 10.05
C ILE A 203 -1.10 14.12 9.73
N ALA A 204 -0.77 12.82 9.58
CA ALA A 204 0.64 12.45 9.53
C ALA A 204 1.17 11.73 8.31
N PRO A 205 0.43 11.10 7.41
CA PRO A 205 1.09 10.44 6.26
C PRO A 205 1.86 11.47 5.44
N PHE A 206 2.91 11.01 4.76
CA PHE A 206 3.87 11.93 4.14
C PHE A 206 3.45 12.24 2.71
N GLY A 207 2.44 13.10 2.58
CA GLY A 207 1.74 13.28 1.30
C GLY A 207 0.45 12.44 1.34
N HIS A 208 -0.47 12.79 0.44
CA HIS A 208 -1.81 12.22 0.48
C HIS A 208 -2.29 11.80 -0.89
N SER A 209 -3.08 10.70 -0.89
CA SER A 209 -3.56 10.07 -2.09
C SER A 209 -5.06 10.14 -2.22
N PRO A 210 -5.58 10.33 -3.44
CA PRO A 210 -7.04 10.33 -3.64
C PRO A 210 -7.62 8.94 -3.50
N THR A 211 -6.81 7.88 -3.33
CA THR A 211 -7.41 6.58 -2.96
C THR A 211 -8.13 6.71 -1.64
N MET A 212 -7.68 7.57 -0.73
CA MET A 212 -8.38 7.64 0.54
C MET A 212 -9.80 8.16 0.37
N PRO A 213 -10.08 9.30 -0.22
CA PRO A 213 -11.50 9.68 -0.39
C PRO A 213 -12.24 8.65 -1.19
N TYR A 214 -11.58 7.98 -2.14
CA TYR A 214 -12.28 6.93 -2.92
C TYR A 214 -12.86 5.87 -1.98
N ILE A 215 -12.00 5.31 -1.13
CA ILE A 215 -12.43 4.24 -0.23
C ILE A 215 -13.37 4.81 0.83
N LEU A 216 -13.02 5.95 1.42
CA LEU A 216 -13.84 6.51 2.51
C LEU A 216 -15.23 6.86 2.03
N GLN A 217 -15.38 7.46 0.84
CA GLN A 217 -16.72 7.82 0.38
C GLN A 217 -17.58 6.58 0.14
N LYS A 218 -16.96 5.48 -0.26
CA LYS A 218 -17.67 4.21 -0.44
C LYS A 218 -17.83 3.42 0.87
N SER A 219 -17.40 4.01 1.97
CA SER A 219 -17.47 3.43 3.30
C SER A 219 -18.27 4.34 4.27
N GLY A 220 -19.12 5.18 3.71
CA GLY A 220 -20.03 5.97 4.53
C GLY A 220 -19.51 7.31 4.93
N PHE A 221 -18.25 7.63 4.61
CA PHE A 221 -17.73 8.92 5.14
C PHE A 221 -18.32 10.11 4.40
N LYS A 222 -18.32 11.22 5.14
CA LYS A 222 -18.83 12.50 4.63
C LYS A 222 -17.76 13.54 4.63
N ASN A 223 -16.66 13.39 5.40
CA ASN A 223 -15.65 14.45 5.50
C ASN A 223 -14.30 13.83 5.79
N MET A 224 -13.25 14.51 5.36
CA MET A 224 -11.89 14.05 5.71
C MET A 224 -10.97 15.24 5.90
N LEU A 225 -9.89 15.01 6.65
CA LEU A 225 -8.90 16.06 6.92
C LEU A 225 -7.51 15.48 6.58
N ILE A 226 -6.70 16.32 5.98
CA ILE A 226 -5.32 16.01 5.64
C ILE A 226 -4.41 17.18 6.09
N GLN A 227 -3.10 16.89 6.16
CA GLN A 227 -2.15 17.89 6.65
C GLN A 227 -0.86 17.92 5.85
N ARG A 228 -0.24 16.79 5.54
CA ARG A 228 1.11 16.86 5.01
C ARG A 228 1.12 16.99 3.51
N THR A 229 1.02 18.24 3.08
CA THR A 229 1.11 18.58 1.64
C THR A 229 2.19 19.62 1.49
N HIS A 230 2.72 19.67 0.29
CA HIS A 230 3.87 20.54 -0.03
C HIS A 230 3.58 21.95 0.42
N TYR A 231 4.56 22.59 1.05
CA TYR A 231 4.35 23.95 1.57
C TYR A 231 3.96 24.92 0.47
N SER A 232 4.40 24.74 -0.75
CA SER A 232 3.97 25.67 -1.83
C SER A 232 2.50 25.48 -2.16
N VAL A 233 2.01 24.22 -2.08
CA VAL A 233 0.59 23.96 -2.33
C VAL A 233 -0.26 24.59 -1.23
N LYS A 234 0.19 24.48 0.03
CA LYS A 234 -0.57 25.11 1.09
C LYS A 234 -0.66 26.62 0.81
N LYS A 235 0.44 27.23 0.41
CA LYS A 235 0.42 28.68 0.20
C LYS A 235 -0.53 29.03 -0.93
N GLU A 236 -0.46 28.31 -2.04
CA GLU A 236 -1.29 28.60 -3.22
C GLU A 236 -2.76 28.43 -2.87
N LEU A 237 -3.09 27.30 -2.22
CA LEU A 237 -4.50 27.07 -1.93
C LEU A 237 -4.97 28.04 -0.87
N ALA A 238 -4.13 28.38 0.11
CA ALA A 238 -4.56 29.34 1.12
C ALA A 238 -4.86 30.70 0.52
N GLN A 239 -4.09 31.11 -0.49
CA GLN A 239 -4.28 32.45 -1.12
C GLN A 239 -5.62 32.51 -1.81
N GLN A 240 -6.13 31.37 -2.27
CA GLN A 240 -7.42 31.28 -2.96
C GLN A 240 -8.58 30.78 -2.08
N ARG A 241 -8.32 30.61 -0.78
N ARG A 241 -8.29 30.58 -0.79
CA ARG A 241 -9.26 29.95 0.13
CA ARG A 241 -9.23 29.93 0.11
C ARG A 241 -9.78 28.65 -0.47
C ARG A 241 -9.77 28.64 -0.49
N GLN A 242 -8.82 27.82 -0.97
CA GLN A 242 -9.18 26.52 -1.56
C GLN A 242 -8.61 25.38 -0.71
N LEU A 243 -8.45 25.62 0.62
CA LEU A 243 -7.98 24.56 1.53
C LEU A 243 -9.08 23.63 1.94
N GLU A 244 -10.35 23.99 1.69
CA GLU A 244 -11.47 23.07 1.84
C GLU A 244 -12.02 22.88 0.47
N PHE A 245 -12.21 21.62 0.04
CA PHE A 245 -12.58 21.34 -1.32
C PHE A 245 -13.33 20.01 -1.38
N LEU A 246 -14.04 19.85 -2.46
CA LEU A 246 -14.74 18.58 -2.75
C LEU A 246 -13.78 17.76 -3.62
N TRP A 247 -13.17 16.76 -2.99
CA TRP A 247 -12.10 16.01 -3.67
C TRP A 247 -12.72 14.85 -4.41
N ARG A 248 -12.68 14.92 -5.74
CA ARG A 248 -13.22 13.85 -6.57
C ARG A 248 -12.06 13.11 -7.27
N GLN A 249 -12.35 11.94 -7.80
CA GLN A 249 -11.35 11.18 -8.55
C GLN A 249 -11.03 11.83 -9.90
N ILE A 250 -9.83 11.60 -10.39
CA ILE A 250 -9.33 12.33 -11.54
C ILE A 250 -10.15 12.05 -12.79
N TRP A 251 -10.80 10.90 -12.84
CA TRP A 251 -11.59 10.54 -14.01
C TRP A 251 -13.08 10.88 -13.87
N ASP A 252 -13.50 11.45 -12.74
CA ASP A 252 -14.93 11.47 -12.46
C ASP A 252 -15.55 12.74 -12.98
N ASN A 253 -16.27 12.64 -14.08
N ASN A 253 -16.26 12.66 -14.09
CA ASN A 253 -16.80 13.82 -14.73
CA ASN A 253 -16.81 13.88 -14.69
C ASN A 253 -17.99 14.42 -13.96
C ASN A 253 -18.00 14.45 -13.94
N LYS A 254 -18.79 13.54 -13.40
CA LYS A 254 -20.04 13.88 -12.73
C LYS A 254 -19.84 14.42 -11.31
N GLY A 255 -18.90 13.82 -10.58
CA GLY A 255 -18.59 14.21 -9.20
C GLY A 255 -19.15 13.26 -8.14
N ASP A 256 -19.68 12.07 -8.46
CA ASP A 256 -20.29 11.26 -7.43
C ASP A 256 -19.26 10.69 -6.45
N THR A 257 -17.99 10.72 -6.80
CA THR A 257 -16.96 10.25 -5.86
C THR A 257 -16.56 11.37 -4.86
N ALA A 258 -17.06 12.58 -5.01
CA ALA A 258 -16.49 13.69 -4.23
C ALA A 258 -16.66 13.49 -2.73
N LEU A 259 -15.63 13.88 -1.99
CA LEU A 259 -15.66 13.88 -0.54
C LEU A 259 -15.10 15.20 -0.05
N PHE A 260 -15.85 15.87 0.85
CA PHE A 260 -15.37 17.14 1.40
C PHE A 260 -14.10 16.91 2.19
N THR A 261 -13.10 17.75 1.88
CA THR A 261 -11.76 17.58 2.45
C THR A 261 -11.32 18.94 2.99
N HIS A 262 -10.77 18.88 4.21
CA HIS A 262 -10.11 20.03 4.83
C HIS A 262 -8.61 19.76 4.84
N MET A 263 -7.83 20.65 4.23
CA MET A 263 -6.39 20.64 4.35
C MET A 263 -5.95 21.66 5.39
N MET A 264 -5.21 21.24 6.41
N MET A 264 -5.17 21.25 6.37
CA MET A 264 -4.62 22.16 7.40
CA MET A 264 -4.67 22.25 7.33
C MET A 264 -3.60 23.05 6.71
C MET A 264 -3.54 23.05 6.72
N PRO A 265 -3.42 24.29 7.15
CA PRO A 265 -2.63 25.21 6.32
C PRO A 265 -1.17 25.34 6.65
N PHE A 266 -0.68 24.89 7.80
CA PHE A 266 0.64 25.27 8.31
C PHE A 266 1.58 24.06 8.32
N TYR A 267 2.75 24.26 8.86
CA TYR A 267 3.87 23.33 8.65
C TYR A 267 3.68 22.04 9.43
N SER A 268 3.01 22.03 10.57
CA SER A 268 2.91 20.83 11.46
C SER A 268 1.52 20.77 12.00
N TYR A 269 1.23 19.58 12.58
CA TYR A 269 0.01 19.45 13.37
C TYR A 269 0.20 19.76 14.85
N ASP A 270 1.39 20.18 15.24
CA ASP A 270 1.64 20.45 16.66
C ASP A 270 0.99 21.77 17.10
N ILE A 271 0.94 22.04 18.40
CA ILE A 271 0.18 23.23 18.83
C ILE A 271 0.79 24.50 18.30
N PRO A 272 2.13 24.68 18.26
CA PRO A 272 2.68 25.92 17.67
C PRO A 272 2.21 26.18 16.24
N HIS A 273 1.86 25.13 15.46
CA HIS A 273 1.45 25.34 14.04
C HIS A 273 -0.02 25.06 13.84
N THR A 274 -0.83 25.14 14.91
CA THR A 274 -2.26 24.92 14.68
C THR A 274 -3.11 26.03 15.25
N CYS A 275 -2.61 26.97 16.04
CA CYS A 275 -3.51 28.02 16.51
C CYS A 275 -3.64 29.19 15.55
N GLY A 276 -2.70 29.31 14.62
CA GLY A 276 -2.60 30.50 13.76
C GLY A 276 -1.22 30.50 13.15
N PRO A 277 -0.92 31.57 12.39
CA PRO A 277 0.27 31.58 11.56
C PRO A 277 1.58 31.83 12.31
N ASP A 278 1.60 32.33 13.54
CA ASP A 278 2.82 32.68 14.21
C ASP A 278 3.14 31.67 15.31
N PRO A 279 4.08 30.77 15.07
CA PRO A 279 4.32 29.69 16.08
C PRO A 279 4.91 30.26 17.35
N LYS A 280 5.58 31.40 17.31
CA LYS A 280 6.08 31.99 18.56
C LYS A 280 4.96 32.36 19.49
N VAL A 281 3.81 32.73 18.89
CA VAL A 281 2.61 33.04 19.69
C VAL A 281 1.89 31.73 20.04
N CYS A 282 1.65 30.88 19.04
CA CYS A 282 0.87 29.67 19.40
C CYS A 282 1.58 28.80 20.42
N CYS A 283 2.92 28.77 20.42
CA CYS A 283 3.59 27.94 21.43
C CYS A 283 3.28 28.34 22.86
N GLN A 284 2.94 29.61 23.08
CA GLN A 284 2.57 30.10 24.39
C GLN A 284 1.22 29.58 24.83
N PHE A 285 0.53 28.87 23.94
CA PHE A 285 -0.79 28.30 24.27
C PHE A 285 -0.68 26.77 24.24
N ASP A 286 0.55 26.27 24.29
CA ASP A 286 0.72 24.81 24.59
C ASP A 286 1.15 24.74 26.02
N PHE A 287 0.22 24.51 26.98
CA PHE A 287 0.54 24.68 28.39
C PHE A 287 1.35 23.55 28.93
N LYS A 288 1.71 22.53 28.13
CA LYS A 288 2.71 21.54 28.55
C LYS A 288 4.15 22.06 28.45
N ARG A 289 4.34 23.26 27.87
CA ARG A 289 5.70 23.70 27.66
C ARG A 289 6.26 24.66 28.73
N MET A 290 5.87 24.63 30.00
CA MET A 290 6.37 25.68 30.90
C MET A 290 7.58 25.17 31.70
N GLY A 291 7.93 23.88 31.58
CA GLY A 291 9.22 23.41 32.07
C GLY A 291 9.21 22.09 32.85
N SER A 292 8.20 21.90 33.70
CA SER A 292 8.14 20.69 34.52
C SER A 292 7.94 19.39 33.72
N PHE A 293 7.49 19.53 32.48
CA PHE A 293 7.28 18.40 31.59
C PHE A 293 8.47 18.16 30.68
N GLY A 294 9.55 18.94 30.85
CA GLY A 294 10.68 18.71 29.99
C GLY A 294 10.51 19.26 28.57
N LEU A 295 9.59 20.16 28.40
CA LEU A 295 9.37 20.73 27.07
C LEU A 295 9.54 22.24 27.16
N SER A 296 9.86 22.86 26.03
CA SER A 296 9.99 24.34 26.00
C SER A 296 9.58 24.84 24.65
N CYS A 297 9.54 26.14 24.46
CA CYS A 297 9.24 26.75 23.16
C CYS A 297 10.49 27.19 22.43
N PRO A 298 10.74 26.65 21.25
CA PRO A 298 11.97 27.04 20.53
C PRO A 298 12.06 28.53 20.24
N TRP A 299 10.91 29.20 20.14
CA TRP A 299 10.86 30.64 19.87
C TRP A 299 11.12 31.47 21.12
N LYS A 300 11.40 30.80 22.24
CA LYS A 300 11.96 31.50 23.42
C LYS A 300 10.98 32.33 24.23
N VAL A 301 9.68 32.18 23.97
CA VAL A 301 8.68 32.84 24.81
C VAL A 301 7.81 31.72 25.37
N PRO A 302 7.88 31.48 26.66
CA PRO A 302 7.19 30.32 27.21
C PRO A 302 5.70 30.61 27.32
N PRO A 303 4.88 29.55 27.50
CA PRO A 303 3.53 29.77 27.96
C PRO A 303 3.48 30.35 29.36
N ARG A 304 2.42 31.15 29.60
CA ARG A 304 2.16 31.65 30.95
C ARG A 304 0.77 31.18 31.38
N THR A 305 0.68 30.76 32.63
CA THR A 305 -0.57 30.33 33.24
C THR A 305 -1.58 31.46 33.14
N ILE A 306 -2.79 31.16 32.70
CA ILE A 306 -3.82 32.21 32.55
C ILE A 306 -4.38 32.54 33.92
N SER A 307 -4.50 33.82 34.16
CA SER A 307 -5.00 34.37 35.40
C SER A 307 -5.96 35.49 35.08
N ASP A 308 -6.69 35.91 36.11
CA ASP A 308 -7.56 37.07 35.84
C ASP A 308 -6.76 38.27 35.39
N GLN A 309 -5.52 38.42 35.81
N GLN A 309 -5.53 38.45 35.88
CA GLN A 309 -4.80 39.65 35.51
CA GLN A 309 -4.77 39.66 35.56
C GLN A 309 -4.44 39.63 34.02
C GLN A 309 -4.08 39.63 34.19
N ASN A 310 -4.00 38.44 33.58
CA ASN A 310 -3.48 38.46 32.22
C ASN A 310 -4.47 37.92 31.21
N VAL A 311 -5.66 37.46 31.58
CA VAL A 311 -6.51 36.75 30.58
C VAL A 311 -6.91 37.71 29.47
N ALA A 312 -7.11 39.02 29.73
CA ALA A 312 -7.51 39.90 28.59
C ALA A 312 -6.42 40.02 27.57
N ALA A 313 -5.18 40.19 28.04
CA ALA A 313 -4.04 40.29 27.12
C ALA A 313 -3.78 38.99 26.37
N ARG A 314 -3.83 37.88 27.07
CA ARG A 314 -3.52 36.57 26.43
C ARG A 314 -4.63 36.28 25.43
N SER A 315 -5.88 36.62 25.79
CA SER A 315 -7.01 36.40 24.88
C SER A 315 -6.84 37.21 23.62
N ASP A 316 -6.45 38.46 23.79
N ASP A 316 -6.46 38.47 23.79
CA ASP A 316 -6.22 39.28 22.62
CA ASP A 316 -6.15 39.30 22.63
C ASP A 316 -5.20 38.65 21.64
C ASP A 316 -5.21 38.62 21.65
N LEU A 317 -4.10 38.15 22.17
CA LEU A 317 -3.08 37.51 21.36
C LEU A 317 -3.62 36.29 20.65
N LEU A 318 -4.37 35.46 21.40
CA LEU A 318 -4.86 34.19 20.80
C LEU A 318 -5.95 34.43 19.79
N VAL A 319 -6.89 35.32 20.10
CA VAL A 319 -7.98 35.58 19.15
C VAL A 319 -7.41 36.16 17.88
N ASP A 320 -6.40 37.01 17.98
CA ASP A 320 -5.76 37.52 16.77
C ASP A 320 -5.16 36.40 15.92
N GLN A 321 -4.51 35.40 16.48
CA GLN A 321 -4.04 34.24 15.70
C GLN A 321 -5.23 33.52 15.08
N TRP A 322 -6.30 33.29 15.84
CA TRP A 322 -7.48 32.59 15.28
C TRP A 322 -8.06 33.35 14.11
N LYS A 323 -8.19 34.68 14.28
CA LYS A 323 -8.81 35.42 13.16
C LYS A 323 -7.93 35.45 11.94
N LYS A 324 -6.61 35.44 12.12
CA LYS A 324 -5.74 35.29 10.93
C LYS A 324 -5.92 33.91 10.29
N LYS A 325 -5.91 32.84 11.07
CA LYS A 325 -6.15 31.51 10.48
C LYS A 325 -7.49 31.48 9.77
N ALA A 326 -8.52 32.12 10.37
CA ALA A 326 -9.84 32.07 9.73
C ALA A 326 -9.87 32.77 8.40
N GLU A 327 -8.94 33.70 8.13
CA GLU A 327 -8.89 34.36 6.82
C GLU A 327 -8.59 33.38 5.68
N LEU A 328 -8.04 32.20 5.99
CA LEU A 328 -7.63 31.24 4.96
C LEU A 328 -8.78 30.35 4.56
N TYR A 329 -9.93 30.45 5.18
CA TYR A 329 -11.09 29.56 4.98
C TYR A 329 -12.36 30.36 4.76
N ARG A 330 -13.40 29.69 4.27
CA ARG A 330 -14.58 30.37 3.74
C ARG A 330 -15.71 30.53 4.72
N THR A 331 -15.76 29.79 5.80
CA THR A 331 -16.90 29.91 6.70
C THR A 331 -16.47 30.62 7.97
N ASN A 332 -17.45 30.88 8.85
CA ASN A 332 -17.18 31.43 10.16
C ASN A 332 -17.00 30.34 11.23
N VAL A 333 -16.62 29.15 10.81
CA VAL A 333 -16.39 28.05 11.75
C VAL A 333 -14.94 27.67 11.65
N LEU A 334 -14.18 27.71 12.73
CA LEU A 334 -12.73 27.52 12.66
C LEU A 334 -12.30 26.29 13.45
N LEU A 335 -11.44 25.49 12.81
CA LEU A 335 -10.90 24.29 13.45
C LEU A 335 -9.55 24.61 14.08
N ILE A 336 -9.38 24.36 15.38
CA ILE A 336 -8.12 24.54 16.08
C ILE A 336 -7.72 23.21 16.72
N PRO A 337 -6.98 22.35 16.04
CA PRO A 337 -6.48 21.15 16.70
C PRO A 337 -5.62 21.55 17.89
N LEU A 338 -5.68 20.73 18.98
CA LEU A 338 -4.85 20.98 20.17
C LEU A 338 -4.16 19.67 20.61
N GLY A 339 -2.98 19.40 20.08
CA GLY A 339 -2.37 18.08 20.44
C GLY A 339 -1.03 17.99 19.72
N ASP A 340 -0.44 16.80 19.95
CA ASP A 340 0.88 16.48 19.45
C ASP A 340 1.11 15.01 19.74
N ASP A 341 2.32 14.54 19.46
CA ASP A 341 2.60 13.10 19.58
C ASP A 341 2.54 12.65 21.05
N PHE A 342 1.77 11.60 21.27
CA PHE A 342 1.60 10.98 22.60
C PHE A 342 1.31 12.00 23.68
N ARG A 343 0.50 13.00 23.32
CA ARG A 343 0.01 13.96 24.31
C ARG A 343 -1.16 13.43 25.14
N PHE A 344 -1.46 14.21 26.18
CA PHE A 344 -2.56 13.93 27.12
C PHE A 344 -2.32 12.62 27.88
N LYS A 345 -1.08 12.52 28.36
CA LYS A 345 -0.63 11.37 29.13
C LYS A 345 -0.84 11.66 30.61
N GLN A 346 -0.07 12.58 31.19
CA GLN A 346 -0.11 12.80 32.64
C GLN A 346 -1.41 13.45 33.05
N ASN A 347 -1.95 13.14 34.23
CA ASN A 347 -3.09 13.90 34.77
C ASN A 347 -2.80 15.39 34.87
N THR A 348 -1.57 15.77 35.28
CA THR A 348 -1.23 17.18 35.36
C THR A 348 -1.28 17.83 33.98
N GLU A 349 -1.00 17.09 32.93
CA GLU A 349 -1.09 17.68 31.58
C GLU A 349 -2.53 17.89 31.18
N TRP A 350 -3.41 16.94 31.44
CA TRP A 350 -4.82 17.18 31.20
C TRP A 350 -5.25 18.42 31.93
N ASP A 351 -4.86 18.55 33.20
CA ASP A 351 -5.35 19.72 33.93
C ASP A 351 -4.78 21.02 33.37
N VAL A 352 -3.46 21.05 33.05
CA VAL A 352 -2.91 22.35 32.64
C VAL A 352 -3.47 22.79 31.31
N GLN A 353 -3.73 21.86 30.38
CA GLN A 353 -4.37 22.31 29.11
C GLN A 353 -5.82 22.71 29.36
N ARG A 354 -6.60 21.88 30.03
CA ARG A 354 -8.01 22.15 30.21
C ARG A 354 -8.26 23.42 31.00
N VAL A 355 -7.57 23.58 32.16
CA VAL A 355 -7.99 24.74 32.98
C VAL A 355 -7.60 26.04 32.32
N ASN A 356 -6.46 26.08 31.66
CA ASN A 356 -6.02 27.35 31.04
C ASN A 356 -6.92 27.64 29.86
N TYR A 357 -7.27 26.66 29.00
CA TYR A 357 -8.22 26.94 27.90
C TYR A 357 -9.58 27.29 28.47
N GLU A 358 -10.04 26.64 29.55
CA GLU A 358 -11.35 27.08 30.07
C GLU A 358 -11.33 28.53 30.47
N ARG A 359 -10.25 28.98 31.07
CA ARG A 359 -10.17 30.40 31.45
C ARG A 359 -10.22 31.32 30.25
N LEU A 360 -9.49 30.97 29.20
CA LEU A 360 -9.54 31.75 27.95
C LEU A 360 -10.94 31.73 27.38
N PHE A 361 -11.60 30.58 27.30
CA PHE A 361 -12.94 30.59 26.71
C PHE A 361 -13.90 31.41 27.56
N GLU A 362 -13.82 31.36 28.87
CA GLU A 362 -14.78 32.12 29.67
C GLU A 362 -14.63 33.62 29.35
N HIS A 363 -13.37 34.09 29.30
CA HIS A 363 -13.13 35.51 28.97
C HIS A 363 -13.54 35.86 27.57
N ILE A 364 -13.07 35.13 26.57
CA ILE A 364 -13.37 35.45 25.20
C ILE A 364 -14.84 35.46 24.94
N ASN A 365 -15.54 34.44 25.42
CA ASN A 365 -16.95 34.26 25.04
C ASN A 365 -17.82 35.33 25.73
N SER A 366 -17.30 35.93 26.78
CA SER A 366 -18.08 36.92 27.58
C SER A 366 -17.74 38.33 27.12
N GLN A 367 -16.74 38.52 26.30
CA GLN A 367 -16.37 39.86 25.84
C GLN A 367 -16.85 40.05 24.41
N ALA A 368 -17.97 40.77 24.31
CA ALA A 368 -18.59 40.89 22.95
C ALA A 368 -17.63 41.48 21.92
N HIS A 369 -16.66 42.35 22.25
CA HIS A 369 -15.85 42.96 21.19
C HIS A 369 -15.04 41.92 20.44
N PHE A 370 -14.81 40.70 20.93
CA PHE A 370 -14.10 39.70 20.12
C PHE A 370 -15.01 39.12 19.05
N ASN A 371 -16.33 39.07 19.30
CA ASN A 371 -17.27 38.41 18.44
C ASN A 371 -16.85 36.97 18.10
N VAL A 372 -16.42 36.28 19.16
CA VAL A 372 -16.02 34.85 19.09
C VAL A 372 -16.80 34.01 20.10
N GLN A 373 -17.16 32.79 19.66
CA GLN A 373 -17.65 31.76 20.64
C GLN A 373 -16.70 30.58 20.49
N ALA A 374 -15.95 30.31 21.53
CA ALA A 374 -14.96 29.24 21.44
C ALA A 374 -15.25 28.17 22.46
N GLN A 375 -14.91 26.93 22.06
N GLN A 375 -14.97 26.91 22.08
CA GLN A 375 -15.18 25.78 22.91
CA GLN A 375 -15.30 25.80 22.99
C GLN A 375 -14.36 24.57 22.52
C GLN A 375 -14.45 24.59 22.56
N PHE A 376 -14.25 23.64 23.46
CA PHE A 376 -13.71 22.33 23.01
C PHE A 376 -14.72 21.68 22.13
N GLY A 377 -14.20 20.96 21.13
CA GLY A 377 -15.15 20.31 20.20
C GLY A 377 -14.45 19.05 19.67
N THR A 378 -15.25 18.33 18.88
CA THR A 378 -14.71 17.19 18.14
C THR A 378 -14.64 17.53 16.66
N LEU A 379 -14.00 16.61 15.91
CA LEU A 379 -13.89 16.84 14.46
C LEU A 379 -15.24 16.84 13.77
N GLN A 380 -16.12 15.89 14.15
CA GLN A 380 -17.46 15.87 13.53
C GLN A 380 -18.25 17.13 13.84
N GLU A 381 -18.07 17.65 15.04
CA GLU A 381 -18.76 18.91 15.38
C GLU A 381 -18.30 20.03 14.45
N TYR A 382 -17.00 20.13 14.18
CA TYR A 382 -16.46 21.13 13.25
C TYR A 382 -17.14 20.95 11.92
N PHE A 383 -17.08 19.76 11.33
CA PHE A 383 -17.62 19.57 9.98
C PHE A 383 -19.12 19.83 9.94
N ASP A 384 -19.86 19.39 10.97
CA ASP A 384 -21.29 19.68 10.95
C ASP A 384 -21.54 21.16 10.90
N ALA A 385 -20.78 21.93 11.67
CA ALA A 385 -21.01 23.38 11.69
C ALA A 385 -20.59 23.99 10.34
N VAL A 386 -19.51 23.50 9.71
CA VAL A 386 -19.13 24.03 8.40
C VAL A 386 -20.25 23.82 7.41
N HIS A 387 -20.84 22.60 7.44
CA HIS A 387 -21.87 22.36 6.41
C HIS A 387 -23.16 23.07 6.73
N GLN A 388 -23.45 23.33 8.00
CA GLN A 388 -24.55 24.22 8.34
C GLN A 388 -24.32 25.61 7.73
N ALA A 389 -23.10 26.12 7.80
CA ALA A 389 -22.78 27.44 7.18
C ALA A 389 -22.94 27.38 5.66
N GLU A 390 -22.51 26.28 5.06
CA GLU A 390 -22.63 26.12 3.61
C GLU A 390 -24.08 26.09 3.19
N ARG A 391 -24.89 25.35 3.94
CA ARG A 391 -26.34 25.30 3.66
C ARG A 391 -27.03 26.65 3.85
N ALA A 392 -26.51 27.45 4.77
CA ALA A 392 -27.05 28.79 5.02
C ALA A 392 -26.61 29.77 3.93
N GLY A 393 -25.88 29.25 2.95
CA GLY A 393 -25.38 30.05 1.86
C GLY A 393 -24.21 30.95 2.17
N GLN A 394 -23.48 30.69 3.25
CA GLN A 394 -22.28 31.46 3.50
C GLN A 394 -21.01 31.17 2.73
N ALA A 395 -20.95 30.01 2.07
CA ALA A 395 -19.76 29.59 1.35
C ALA A 395 -20.14 28.57 0.28
N GLU A 396 -19.39 28.57 -0.81
N GLU A 396 -19.39 28.51 -0.83
CA GLU A 396 -19.48 27.40 -1.68
CA GLU A 396 -19.47 27.46 -1.83
C GLU A 396 -18.05 26.90 -1.68
C GLU A 396 -18.08 26.93 -2.13
N PHE A 397 -17.88 25.63 -1.99
CA PHE A 397 -16.54 25.11 -1.99
C PHE A 397 -16.06 24.73 -3.38
N PRO A 398 -14.77 24.88 -3.62
CA PRO A 398 -14.22 24.43 -4.89
C PRO A 398 -14.15 22.91 -5.03
N THR A 399 -14.11 22.47 -6.29
CA THR A 399 -13.88 21.06 -6.60
C THR A 399 -12.40 20.88 -6.93
N LEU A 400 -11.89 19.68 -6.60
CA LEU A 400 -10.46 19.42 -6.79
C LEU A 400 -10.31 17.97 -7.22
N SER A 401 -9.38 17.71 -8.13
CA SER A 401 -8.89 16.33 -8.35
C SER A 401 -7.37 16.37 -8.39
N GLY A 402 -6.81 15.18 -8.18
CA GLY A 402 -5.33 15.00 -8.24
C GLY A 402 -4.84 14.40 -6.92
N ASP A 403 -3.54 14.39 -6.74
CA ASP A 403 -2.95 13.86 -5.50
C ASP A 403 -2.04 14.92 -4.89
N PHE A 404 -1.44 14.57 -3.78
CA PHE A 404 -0.55 15.44 -3.03
C PHE A 404 0.77 14.76 -2.74
N PHE A 405 1.36 14.25 -3.85
CA PHE A 405 2.73 13.78 -3.83
C PHE A 405 3.53 14.60 -4.87
N THR A 406 4.84 14.77 -4.71
CA THR A 406 5.65 14.37 -3.56
C THR A 406 5.74 15.49 -2.57
N TYR A 407 5.48 15.16 -1.31
CA TYR A 407 5.53 16.11 -0.20
C TYR A 407 6.94 16.66 0.01
N ALA A 408 7.04 17.97 0.23
CA ALA A 408 8.22 18.60 0.84
C ALA A 408 7.72 19.47 1.99
N ASP A 409 8.36 19.36 3.15
CA ASP A 409 7.94 20.18 4.30
C ASP A 409 8.75 21.49 4.31
N ARG A 410 9.89 21.56 3.66
CA ARG A 410 10.67 22.78 3.61
C ARG A 410 11.75 22.67 2.56
N SER A 411 12.17 23.83 2.05
N SER A 411 12.16 23.84 2.07
CA SER A 411 13.23 23.98 1.07
CA SER A 411 13.33 23.90 1.20
C SER A 411 13.18 22.88 0.03
C SER A 411 13.22 22.91 0.07
N ASP A 412 14.26 22.14 -0.18
CA ASP A 412 14.28 21.09 -1.19
C ASP A 412 14.15 19.72 -0.58
N ASN A 413 13.59 19.68 0.64
CA ASN A 413 13.53 18.40 1.38
C ASN A 413 12.26 17.65 0.98
N TYR A 414 12.35 16.93 -0.12
CA TYR A 414 11.25 16.11 -0.67
C TYR A 414 11.34 14.71 -0.05
N TRP A 415 10.14 14.25 0.36
CA TRP A 415 10.05 12.99 1.07
C TRP A 415 9.80 11.83 0.10
N SER A 416 10.73 11.67 -0.87
CA SER A 416 10.63 10.56 -1.81
C SER A 416 11.51 9.39 -1.38
N GLY A 417 12.35 9.52 -0.31
CA GLY A 417 13.17 8.38 0.08
C GLY A 417 12.30 7.22 0.62
N TYR A 418 11.24 7.52 1.32
CA TYR A 418 10.45 6.44 1.96
C TYR A 418 9.63 5.69 0.96
N TYR A 419 9.61 6.09 -0.32
CA TYR A 419 9.03 5.24 -1.35
C TYR A 419 9.87 3.97 -1.53
N THR A 420 11.09 3.94 -0.99
CA THR A 420 11.97 2.79 -1.18
C THR A 420 12.50 2.23 0.14
N SER A 421 12.56 3.03 1.20
CA SER A 421 13.26 2.55 2.41
C SER A 421 12.73 1.24 2.92
N ARG A 422 13.66 0.39 3.36
CA ARG A 422 13.30 -0.95 3.89
C ARG A 422 12.49 -1.71 2.85
N PRO A 423 13.09 -1.96 1.68
CA PRO A 423 12.33 -2.62 0.62
C PRO A 423 12.03 -4.07 0.86
N TYR A 424 12.77 -4.75 1.73
CA TYR A 424 12.40 -6.16 2.05
C TYR A 424 10.98 -6.18 2.59
N HIS A 425 10.67 -5.26 3.47
CA HIS A 425 9.36 -5.29 4.13
C HIS A 425 8.27 -4.73 3.24
N LYS A 426 8.64 -3.84 2.33
CA LYS A 426 7.72 -3.41 1.29
C LYS A 426 7.30 -4.59 0.44
N ARG A 427 8.24 -5.43 0.07
CA ARG A 427 7.90 -6.62 -0.70
C ARG A 427 7.08 -7.61 0.15
N MET A 428 7.47 -7.78 1.40
CA MET A 428 6.73 -8.68 2.29
C MET A 428 5.29 -8.23 2.41
N ASP A 429 4.99 -6.92 2.44
CA ASP A 429 3.62 -6.43 2.54
C ASP A 429 2.78 -6.98 1.40
N ARG A 430 3.33 -6.99 0.19
CA ARG A 430 2.62 -7.49 -0.98
C ARG A 430 2.35 -8.99 -0.87
N VAL A 431 3.34 -9.73 -0.40
CA VAL A 431 3.20 -11.17 -0.25
C VAL A 431 2.10 -11.45 0.75
N LEU A 432 2.16 -10.80 1.91
CA LEU A 432 1.12 -11.04 2.92
C LEU A 432 -0.25 -10.53 2.46
N MET A 433 -0.29 -9.45 1.69
CA MET A 433 -1.56 -8.97 1.13
C MET A 433 -2.27 -10.12 0.43
N HIS A 434 -1.50 -10.81 -0.41
CA HIS A 434 -2.09 -11.86 -1.19
C HIS A 434 -2.45 -13.10 -0.35
N TYR A 435 -1.58 -13.44 0.61
CA TYR A 435 -1.83 -14.59 1.49
CA TYR A 435 -1.93 -14.64 1.39
C TYR A 435 -3.09 -14.33 2.33
N VAL A 436 -3.30 -13.13 2.80
CA VAL A 436 -4.54 -12.86 3.54
C VAL A 436 -5.73 -13.02 2.63
N ARG A 437 -5.70 -12.45 1.43
CA ARG A 437 -6.84 -12.64 0.51
C ARG A 437 -7.08 -14.12 0.29
N ALA A 438 -6.00 -14.88 0.00
CA ALA A 438 -6.22 -16.29 -0.36
C ALA A 438 -6.73 -17.09 0.81
N ALA A 439 -6.21 -16.79 2.04
CA ALA A 439 -6.69 -17.53 3.23
C ALA A 439 -8.12 -17.21 3.56
N GLU A 440 -8.52 -15.94 3.43
CA GLU A 440 -9.92 -15.60 3.73
C GLU A 440 -10.80 -16.20 2.65
N MET A 441 -10.39 -16.21 1.40
CA MET A 441 -11.26 -16.74 0.33
C MET A 441 -11.34 -18.26 0.45
N LEU A 442 -10.22 -18.96 0.57
CA LEU A 442 -10.28 -20.43 0.64
C LEU A 442 -11.09 -20.92 1.80
N SER A 443 -10.99 -20.23 2.95
CA SER A 443 -11.73 -20.69 4.11
C SER A 443 -13.15 -20.20 4.12
N ALA A 444 -13.54 -19.26 3.28
CA ALA A 444 -14.91 -18.74 3.28
C ALA A 444 -15.92 -19.75 2.75
N TRP A 445 -15.46 -20.70 1.92
CA TRP A 445 -16.43 -21.61 1.28
C TRP A 445 -17.20 -22.48 2.29
N HIS A 446 -16.60 -22.70 3.46
CA HIS A 446 -17.24 -23.49 4.48
C HIS A 446 -17.39 -22.69 5.77
N SER A 447 -18.34 -23.12 6.62
CA SER A 447 -18.28 -22.80 8.05
C SER A 447 -17.35 -23.75 8.79
N TRP A 448 -16.61 -23.24 9.77
CA TRP A 448 -15.66 -24.10 10.47
C TRP A 448 -15.99 -24.15 11.93
N ASP A 449 -15.87 -25.36 12.48
CA ASP A 449 -15.98 -25.47 13.94
C ASP A 449 -14.96 -24.59 14.65
N GLY A 450 -15.34 -24.05 15.81
CA GLY A 450 -14.40 -23.17 16.51
C GLY A 450 -13.10 -23.89 16.86
N MET A 451 -13.09 -25.21 16.98
CA MET A 451 -11.84 -25.93 17.25
C MET A 451 -10.78 -25.79 16.17
N ALA A 452 -11.24 -25.46 14.96
CA ALA A 452 -10.29 -25.30 13.84
C ALA A 452 -9.51 -24.01 13.95
N ARG A 453 -9.94 -23.09 14.80
CA ARG A 453 -9.20 -21.85 15.04
C ARG A 453 -9.03 -21.00 13.78
N ILE A 454 -9.96 -21.12 12.83
CA ILE A 454 -9.85 -20.37 11.56
C ILE A 454 -10.03 -18.88 11.81
N GLU A 455 -11.08 -18.49 12.52
CA GLU A 455 -11.30 -17.08 12.76
C GLU A 455 -10.18 -16.48 13.56
N GLU A 456 -9.61 -17.20 14.52
CA GLU A 456 -8.50 -16.71 15.30
C GLU A 456 -7.28 -16.44 14.44
N ARG A 457 -6.91 -17.40 13.61
CA ARG A 457 -5.75 -17.25 12.74
C ARG A 457 -5.96 -16.09 11.74
N LEU A 458 -7.14 -16.00 11.16
CA LEU A 458 -7.40 -14.90 10.18
C LEU A 458 -7.42 -13.56 10.84
N GLU A 459 -7.98 -13.45 12.05
CA GLU A 459 -7.95 -12.16 12.75
C GLU A 459 -6.52 -11.75 13.00
N GLN A 460 -5.68 -12.69 13.45
CA GLN A 460 -4.27 -12.38 13.66
C GLN A 460 -3.61 -11.88 12.36
N ALA A 461 -3.82 -12.60 11.27
CA ALA A 461 -3.20 -12.23 10.01
C ALA A 461 -3.69 -10.85 9.55
N ARG A 462 -4.99 -10.61 9.60
CA ARG A 462 -5.50 -9.30 9.18
C ARG A 462 -4.91 -8.20 10.05
N ARG A 463 -4.78 -8.45 11.35
CA ARG A 463 -4.34 -7.38 12.24
C ARG A 463 -2.86 -7.07 12.07
N GLU A 464 -2.04 -8.09 11.83
CA GLU A 464 -0.60 -7.77 11.67
C GLU A 464 -0.35 -7.10 10.33
N LEU A 465 -1.08 -7.48 9.27
CA LEU A 465 -0.91 -6.77 7.99
C LEU A 465 -1.46 -5.37 8.13
N SER A 466 -2.59 -5.22 8.83
CA SER A 466 -3.19 -3.91 9.03
C SER A 466 -2.25 -2.97 9.79
N LEU A 467 -1.59 -3.51 10.83
CA LEU A 467 -0.67 -2.72 11.62
C LEU A 467 0.45 -2.18 10.75
N PHE A 468 0.94 -2.99 9.82
CA PHE A 468 2.07 -2.60 8.97
C PHE A 468 1.68 -1.51 8.00
N GLN A 469 0.39 -1.26 7.77
CA GLN A 469 0.03 -0.14 6.89
C GLN A 469 0.30 1.20 7.56
N HIS A 470 0.62 1.21 8.85
CA HIS A 470 1.01 2.43 9.54
C HIS A 470 2.04 3.26 8.74
N HIS A 471 1.94 4.59 8.88
CA HIS A 471 2.86 5.48 8.16
C HIS A 471 4.28 5.49 8.71
N ASP A 472 4.61 4.64 9.70
CA ASP A 472 6.02 4.30 9.98
C ASP A 472 6.31 2.82 9.77
N GLY A 473 5.37 2.08 9.20
CA GLY A 473 5.56 0.62 8.99
C GLY A 473 6.03 0.39 7.57
N ILE A 474 5.11 0.27 6.61
CA ILE A 474 5.47 0.02 5.21
C ILE A 474 6.37 1.10 4.68
N THR A 475 6.31 2.30 5.22
CA THR A 475 7.21 3.38 4.77
C THR A 475 8.67 3.13 5.05
N GLY A 476 9.01 2.21 5.95
CA GLY A 476 10.45 2.04 6.19
C GLY A 476 11.03 3.17 7.02
N THR A 477 10.24 3.84 7.84
CA THR A 477 10.74 4.96 8.63
C THR A 477 10.76 4.67 10.12
N ALA A 478 10.80 3.39 10.54
CA ALA A 478 10.89 3.05 11.97
C ALA A 478 12.30 2.66 12.41
N LYS A 479 12.52 2.67 13.72
CA LYS A 479 13.85 2.23 14.18
C LYS A 479 14.06 0.77 13.86
N THR A 480 15.32 0.37 13.79
CA THR A 480 15.67 -1.01 13.43
C THR A 480 14.91 -2.05 14.25
N HIS A 481 14.83 -1.87 15.58
CA HIS A 481 14.18 -2.94 16.38
C HIS A 481 12.67 -2.93 16.17
N VAL A 482 12.15 -1.80 15.71
CA VAL A 482 10.68 -1.75 15.37
C VAL A 482 10.40 -2.42 14.04
N VAL A 483 11.29 -2.24 13.06
CA VAL A 483 11.17 -2.97 11.82
C VAL A 483 11.22 -4.47 12.10
N VAL A 484 12.13 -4.91 13.05
CA VAL A 484 12.15 -6.35 13.38
C VAL A 484 10.81 -6.80 13.95
N ASP A 485 10.20 -5.99 14.79
CA ASP A 485 8.87 -6.34 15.35
C ASP A 485 7.84 -6.47 14.28
N TYR A 486 7.81 -5.52 13.33
CA TYR A 486 6.85 -5.62 12.24
C TYR A 486 7.09 -6.90 11.44
N GLU A 487 8.35 -7.22 11.16
CA GLU A 487 8.65 -8.39 10.36
C GLU A 487 8.20 -9.66 11.09
N GLN A 488 8.48 -9.74 12.39
CA GLN A 488 8.10 -10.92 13.18
C GLN A 488 6.61 -11.08 13.17
N ARG A 489 5.90 -9.98 13.32
CA ARG A 489 4.40 -10.01 13.28
C ARG A 489 3.95 -10.51 11.92
N MET A 490 4.56 -9.96 10.83
CA MET A 490 4.10 -10.41 9.51
C MET A 490 4.46 -11.88 9.28
N GLN A 491 5.57 -12.37 9.83
N GLN A 491 5.57 -12.35 9.82
CA GLN A 491 5.87 -13.80 9.63
CA GLN A 491 5.95 -13.78 9.67
C GLN A 491 4.84 -14.64 10.36
C GLN A 491 4.89 -14.64 10.38
N GLU A 492 4.46 -14.21 11.56
CA GLU A 492 3.40 -15.00 12.24
C GLU A 492 2.14 -14.96 11.43
N ALA A 493 1.82 -13.83 10.80
CA ALA A 493 0.62 -13.74 9.96
C ALA A 493 0.78 -14.63 8.75
N LEU A 494 1.93 -14.74 8.11
CA LEU A 494 2.07 -15.65 6.97
C LEU A 494 1.82 -17.11 7.40
N LYS A 495 2.37 -17.46 8.58
CA LYS A 495 2.17 -18.82 9.10
C LYS A 495 0.70 -19.09 9.35
N ALA A 496 -0.01 -18.09 9.87
CA ALA A 496 -1.44 -18.23 10.10
C ALA A 496 -2.20 -18.41 8.78
N CYS A 497 -1.84 -17.63 7.77
CA CYS A 497 -2.47 -17.81 6.47
C CYS A 497 -2.17 -19.18 5.90
N GLN A 498 -0.94 -19.63 5.97
CA GLN A 498 -0.64 -20.95 5.47
C GLN A 498 -1.51 -22.02 6.15
N MET A 499 -1.64 -21.92 7.48
CA MET A 499 -2.44 -22.96 8.19
C MET A 499 -3.86 -22.97 7.68
N VAL A 500 -4.45 -21.78 7.59
CA VAL A 500 -5.86 -21.72 7.13
C VAL A 500 -5.94 -22.20 5.72
N MET A 501 -5.07 -21.76 4.85
CA MET A 501 -5.16 -22.18 3.42
C MET A 501 -5.03 -23.69 3.32
N GLN A 502 -4.07 -24.30 4.00
CA GLN A 502 -3.87 -25.75 3.74
C GLN A 502 -4.99 -26.58 4.35
N GLN A 503 -5.51 -26.16 5.52
CA GLN A 503 -6.69 -26.87 6.04
C GLN A 503 -7.85 -26.76 5.06
N SER A 504 -8.01 -25.57 4.45
CA SER A 504 -9.11 -25.36 3.50
C SER A 504 -8.97 -26.19 2.22
N VAL A 505 -7.75 -26.27 1.69
CA VAL A 505 -7.54 -27.12 0.51
C VAL A 505 -7.85 -28.58 0.84
N TYR A 506 -7.38 -29.04 2.00
N TYR A 506 -7.38 -29.10 1.99
CA TYR A 506 -7.65 -30.44 2.35
CA TYR A 506 -7.68 -30.50 2.38
C TYR A 506 -9.15 -30.71 2.45
C TYR A 506 -9.20 -30.67 2.34
N ARG A 507 -9.91 -29.72 2.94
CA ARG A 507 -11.37 -29.88 3.02
C ARG A 507 -12.05 -29.82 1.66
N LEU A 508 -11.61 -28.89 0.82
CA LEU A 508 -12.25 -28.65 -0.47
C LEU A 508 -11.96 -29.77 -1.46
N LEU A 509 -10.90 -30.52 -1.28
CA LEU A 509 -10.49 -31.53 -2.27
C LEU A 509 -10.47 -32.95 -1.67
N THR A 510 -11.13 -33.20 -0.55
CA THR A 510 -11.20 -34.59 -0.12
C THR A 510 -12.67 -35.00 -0.11
N LYS A 511 -12.92 -36.23 -0.52
CA LYS A 511 -14.29 -36.78 -0.56
C LYS A 511 -14.95 -36.57 0.78
N PRO A 512 -16.13 -35.96 0.86
CA PRO A 512 -16.69 -35.61 2.17
C PRO A 512 -16.84 -36.76 3.14
N SER A 513 -17.21 -37.97 2.69
CA SER A 513 -17.34 -39.06 3.66
C SER A 513 -16.01 -39.66 4.08
N ILE A 514 -14.90 -39.16 3.55
CA ILE A 514 -13.56 -39.59 3.94
C ILE A 514 -12.84 -38.54 4.79
N TYR A 515 -13.15 -37.27 4.56
CA TYR A 515 -12.50 -36.16 5.26
C TYR A 515 -12.48 -36.33 6.77
N SER A 516 -11.28 -36.28 7.36
CA SER A 516 -11.11 -36.54 8.80
C SER A 516 -10.01 -35.67 9.36
N PRO A 517 -10.34 -34.37 9.48
CA PRO A 517 -9.31 -33.42 9.80
C PRO A 517 -8.82 -33.47 11.26
N ASP A 518 -7.53 -33.23 11.39
CA ASP A 518 -6.85 -32.81 12.63
C ASP A 518 -6.51 -31.35 12.38
N PHE A 519 -7.18 -30.43 13.10
CA PHE A 519 -6.98 -29.02 12.75
C PHE A 519 -5.61 -28.50 13.11
N SER A 520 -4.76 -29.27 13.74
CA SER A 520 -3.38 -28.87 14.09
C SER A 520 -2.42 -29.44 13.05
N PHE A 521 -2.84 -30.33 12.15
CA PHE A 521 -1.91 -31.02 11.25
C PHE A 521 -1.61 -30.22 9.99
N SER A 522 -0.44 -30.44 9.38
CA SER A 522 -0.09 -29.84 8.09
C SER A 522 -0.32 -30.87 6.99
N TYR A 523 -1.47 -30.78 6.33
CA TYR A 523 -1.76 -31.60 5.18
C TYR A 523 -1.01 -31.16 3.96
N PHE A 524 -0.78 -29.85 3.83
CA PHE A 524 0.03 -29.32 2.74
C PHE A 524 1.01 -28.27 3.27
N THR A 525 2.12 -28.14 2.56
CA THR A 525 2.90 -26.90 2.79
C THR A 525 2.84 -26.03 1.56
N LEU A 526 2.90 -24.73 1.78
CA LEU A 526 2.99 -23.83 0.63
C LEU A 526 4.38 -23.86 0.06
N ASP A 527 4.44 -23.73 -1.26
CA ASP A 527 5.74 -23.53 -1.94
C ASP A 527 5.68 -22.20 -2.66
N ASP A 528 6.55 -21.29 -2.33
CA ASP A 528 6.51 -19.96 -2.92
C ASP A 528 7.87 -19.75 -3.53
N SER A 529 7.89 -19.60 -4.85
CA SER A 529 9.14 -19.41 -5.59
C SER A 529 9.73 -18.02 -5.45
N ARG A 530 8.95 -17.07 -4.95
CA ARG A 530 9.36 -15.69 -5.04
C ARG A 530 9.39 -14.98 -3.72
N TRP A 531 9.15 -15.71 -2.63
CA TRP A 531 9.26 -15.10 -1.31
C TRP A 531 9.69 -16.17 -0.34
N PRO A 532 10.75 -15.98 0.43
CA PRO A 532 11.59 -14.77 0.40
C PRO A 532 12.48 -14.69 -0.84
N GLY A 533 12.54 -15.75 -1.58
CA GLY A 533 13.25 -15.75 -2.82
C GLY A 533 14.64 -16.23 -2.70
N SER A 534 15.12 -16.79 -3.80
CA SER A 534 16.32 -17.58 -3.73
C SER A 534 17.45 -16.59 -3.68
N GLY A 535 18.50 -16.97 -2.99
CA GLY A 535 19.41 -16.00 -2.41
C GLY A 535 18.93 -15.17 -1.24
N VAL A 536 17.64 -15.27 -0.91
CA VAL A 536 17.08 -14.60 0.25
C VAL A 536 16.97 -15.60 1.41
N GLU A 537 16.32 -16.73 1.16
CA GLU A 537 16.17 -17.83 2.17
C GLU A 537 16.14 -19.17 1.42
N ASP A 538 16.80 -20.24 1.93
CA ASP A 538 16.62 -21.59 1.31
C ASP A 538 15.41 -22.35 1.84
N SER A 539 14.23 -21.73 1.63
CA SER A 539 13.00 -22.03 2.40
C SER A 539 12.31 -23.17 1.67
N ARG A 540 12.58 -23.26 0.38
CA ARG A 540 11.79 -24.09 -0.50
C ARG A 540 12.09 -25.54 -0.26
N THR A 541 11.02 -26.27 0.01
CA THR A 541 11.13 -27.69 0.19
C THR A 541 11.28 -28.42 -1.14
N THR A 542 12.11 -29.44 -1.12
CA THR A 542 12.24 -30.31 -2.26
C THR A 542 11.27 -31.47 -2.11
N ILE A 543 10.55 -31.75 -3.17
CA ILE A 543 9.73 -32.98 -3.23
C ILE A 543 10.65 -34.15 -3.47
N ILE A 544 10.70 -35.06 -2.49
CA ILE A 544 11.64 -36.17 -2.49
C ILE A 544 10.92 -37.41 -2.98
N LEU A 545 11.37 -37.80 -4.17
CA LEU A 545 10.85 -38.99 -4.83
C LEU A 545 11.95 -40.03 -5.02
N GLY A 546 11.56 -41.28 -5.11
CA GLY A 546 12.63 -42.30 -5.32
C GLY A 546 11.93 -43.64 -5.30
N GLU A 547 12.51 -44.57 -6.08
CA GLU A 547 11.93 -45.93 -6.21
C GLU A 547 11.82 -46.63 -4.88
N ASP A 548 12.74 -46.34 -3.97
CA ASP A 548 12.76 -47.03 -2.66
C ASP A 548 12.17 -46.15 -1.59
N ILE A 549 11.42 -45.09 -1.94
CA ILE A 549 10.77 -44.30 -0.89
C ILE A 549 9.36 -43.81 -1.24
N LEU A 550 9.16 -43.26 -2.43
CA LEU A 550 7.90 -42.60 -2.76
C LEU A 550 7.88 -42.37 -4.25
N PRO A 551 7.02 -42.98 -5.02
CA PRO A 551 7.05 -42.75 -6.47
C PRO A 551 6.42 -41.45 -6.96
N SER A 552 5.50 -40.86 -6.19
CA SER A 552 4.76 -39.73 -6.73
C SER A 552 4.28 -38.82 -5.57
N LYS A 553 3.90 -37.62 -6.00
CA LYS A 553 3.42 -36.59 -5.09
C LYS A 553 2.34 -35.73 -5.72
N HIS A 554 1.25 -35.53 -4.97
CA HIS A 554 0.21 -34.60 -5.32
C HIS A 554 0.60 -33.16 -4.97
N VAL A 555 0.32 -32.27 -5.91
CA VAL A 555 0.43 -30.82 -5.69
C VAL A 555 -0.89 -30.21 -6.10
N VAL A 556 -1.21 -29.06 -5.47
CA VAL A 556 -2.48 -28.39 -5.75
C VAL A 556 -2.21 -26.89 -5.97
N MET A 557 -2.82 -26.34 -7.01
CA MET A 557 -2.70 -24.88 -7.23
C MET A 557 -4.07 -24.25 -6.94
N HIS A 558 -4.01 -23.07 -6.33
CA HIS A 558 -5.17 -22.24 -6.07
C HIS A 558 -5.07 -20.98 -6.91
N ASN A 559 -6.23 -20.56 -7.44
CA ASN A 559 -6.34 -19.35 -8.26
C ASN A 559 -7.35 -18.43 -7.61
N THR A 560 -6.90 -17.37 -6.92
CA THR A 560 -7.85 -16.49 -6.22
C THR A 560 -8.62 -15.59 -7.17
N LEU A 561 -8.17 -15.45 -8.43
CA LEU A 561 -8.89 -14.56 -9.35
C LEU A 561 -10.12 -15.23 -9.95
N PRO A 562 -11.17 -14.45 -10.20
CA PRO A 562 -12.42 -15.03 -10.70
C PRO A 562 -12.46 -15.25 -12.21
N HIS A 563 -11.38 -15.78 -12.79
CA HIS A 563 -11.43 -16.23 -14.18
C HIS A 563 -10.51 -17.44 -14.28
N TRP A 564 -10.77 -18.34 -15.24
CA TRP A 564 -9.82 -19.42 -15.47
C TRP A 564 -8.45 -18.86 -15.74
N ARG A 565 -7.43 -19.49 -15.18
CA ARG A 565 -6.08 -18.97 -15.36
C ARG A 565 -5.09 -20.09 -15.59
N GLU A 566 -4.21 -19.90 -16.55
CA GLU A 566 -3.03 -20.71 -16.73
C GLU A 566 -1.79 -19.91 -16.30
N GLN A 567 -0.91 -20.62 -15.64
CA GLN A 567 0.34 -20.00 -15.25
C GLN A 567 1.39 -21.08 -15.14
N LEU A 568 2.61 -20.85 -15.56
CA LEU A 568 3.64 -21.85 -15.25
C LEU A 568 3.88 -21.83 -13.76
N VAL A 569 4.07 -23.02 -13.22
CA VAL A 569 4.43 -23.23 -11.82
C VAL A 569 5.65 -24.12 -11.78
N ASP A 570 6.50 -23.89 -10.78
CA ASP A 570 7.71 -24.69 -10.63
C ASP A 570 7.79 -25.30 -9.23
N PHE A 571 8.37 -26.49 -9.14
CA PHE A 571 8.65 -27.09 -7.86
C PHE A 571 10.07 -27.66 -7.89
N TYR A 572 10.66 -27.79 -6.69
CA TYR A 572 11.95 -28.51 -6.61
C TYR A 572 11.68 -29.98 -6.40
N VAL A 573 12.45 -30.81 -7.11
CA VAL A 573 12.27 -32.26 -7.02
C VAL A 573 13.64 -32.91 -6.92
N SER A 574 13.66 -34.10 -6.36
CA SER A 574 14.95 -34.75 -6.08
C SER A 574 15.48 -35.56 -7.23
N SER A 575 14.89 -35.54 -8.41
CA SER A 575 15.31 -36.26 -9.60
C SER A 575 14.97 -35.40 -10.84
N PRO A 576 15.76 -35.50 -11.89
CA PRO A 576 15.39 -34.77 -13.12
C PRO A 576 14.37 -35.60 -13.90
N PHE A 577 14.14 -36.88 -13.54
CA PHE A 577 13.27 -37.75 -14.33
C PHE A 577 11.88 -37.80 -13.69
N VAL A 578 11.14 -36.69 -13.93
CA VAL A 578 9.83 -36.49 -13.32
C VAL A 578 8.87 -36.08 -14.44
N SER A 579 7.68 -36.64 -14.38
CA SER A 579 6.65 -36.23 -15.29
C SER A 579 5.40 -35.84 -14.55
N VAL A 580 4.56 -35.09 -15.24
CA VAL A 580 3.42 -34.46 -14.62
C VAL A 580 2.17 -34.99 -15.28
N THR A 581 1.16 -35.29 -14.49
CA THR A 581 -0.18 -35.55 -15.01
C THR A 581 -1.23 -34.71 -14.28
N ASP A 582 -2.39 -34.53 -14.91
CA ASP A 582 -3.58 -34.11 -14.20
C ASP A 582 -4.34 -35.31 -13.64
N LEU A 583 -5.29 -35.04 -12.75
CA LEU A 583 -6.05 -36.10 -12.09
C LEU A 583 -7.19 -36.60 -12.98
N ALA A 584 -6.98 -36.53 -14.28
CA ALA A 584 -7.49 -37.54 -15.19
C ALA A 584 -6.35 -38.32 -15.84
N ASN A 585 -5.13 -38.06 -15.39
CA ASN A 585 -3.98 -38.86 -15.79
C ASN A 585 -3.58 -38.61 -17.23
N ASN A 586 -4.14 -37.58 -17.84
CA ASN A 586 -3.51 -36.89 -18.97
C ASN A 586 -2.11 -36.39 -18.62
N PRO A 587 -1.16 -36.64 -19.50
CA PRO A 587 0.19 -36.04 -19.40
C PRO A 587 0.11 -34.52 -19.58
N VAL A 588 1.00 -33.86 -18.85
CA VAL A 588 1.16 -32.42 -18.91
C VAL A 588 2.59 -32.16 -19.32
N GLU A 589 2.82 -31.36 -20.37
CA GLU A 589 4.16 -31.05 -20.78
C GLU A 589 4.91 -30.28 -19.69
N ALA A 590 6.18 -30.68 -19.48
CA ALA A 590 6.94 -30.12 -18.37
C ALA A 590 8.35 -29.86 -18.87
N GLN A 591 9.04 -29.00 -18.17
CA GLN A 591 10.45 -28.70 -18.44
C GLN A 591 11.22 -28.81 -17.14
N VAL A 592 12.35 -29.50 -17.17
CA VAL A 592 13.21 -29.54 -15.99
C VAL A 592 14.43 -28.67 -16.27
N SER A 593 14.81 -27.91 -15.27
CA SER A 593 15.97 -27.04 -15.31
C SER A 593 16.78 -27.31 -14.07
N PRO A 594 18.05 -26.88 -14.06
CA PRO A 594 18.81 -27.03 -12.81
C PRO A 594 18.36 -26.07 -11.73
N VAL A 595 18.81 -26.34 -10.50
CA VAL A 595 18.65 -25.36 -9.41
C VAL A 595 19.97 -24.60 -9.32
N TRP A 596 19.94 -23.34 -9.74
CA TRP A 596 21.10 -22.49 -9.75
C TRP A 596 21.06 -21.52 -8.57
N SER A 597 22.17 -21.38 -7.89
N SER A 597 22.19 -21.37 -7.88
CA SER A 597 22.23 -20.37 -6.85
CA SER A 597 22.45 -20.62 -6.67
C SER A 597 23.51 -19.57 -7.13
C SER A 597 23.62 -19.64 -6.84
N TRP A 598 23.40 -18.33 -6.73
CA TRP A 598 24.48 -17.39 -6.94
C TRP A 598 25.28 -17.13 -5.68
N HIS A 599 26.58 -17.04 -5.85
CA HIS A 599 27.50 -17.01 -4.72
C HIS A 599 28.49 -15.87 -4.93
N HIS A 600 28.74 -15.09 -3.88
CA HIS A 600 29.86 -14.21 -3.95
C HIS A 600 31.06 -14.94 -3.45
N ASP A 601 31.94 -15.30 -4.37
CA ASP A 601 33.11 -16.13 -4.01
C ASP A 601 34.23 -15.22 -3.55
N THR A 602 34.52 -15.27 -2.25
CA THR A 602 35.48 -14.40 -1.61
C THR A 602 36.90 -14.80 -1.99
N LEU A 603 37.07 -16.02 -2.52
CA LEU A 603 38.41 -16.34 -3.00
C LEU A 603 38.67 -15.88 -4.42
N THR A 604 37.80 -16.06 -5.41
CA THR A 604 38.06 -15.57 -6.75
C THR A 604 37.56 -14.14 -6.97
N LYS A 605 36.81 -13.60 -6.02
CA LYS A 605 36.28 -12.23 -6.15
C LYS A 605 35.40 -12.10 -7.37
N THR A 606 34.59 -13.14 -7.54
CA THR A 606 33.58 -13.08 -8.59
C THR A 606 32.25 -13.50 -7.99
N ILE A 607 31.20 -13.13 -8.68
CA ILE A 607 29.81 -13.55 -8.38
C ILE A 607 29.38 -14.54 -9.46
N HIS A 608 29.13 -15.79 -9.09
CA HIS A 608 28.91 -16.81 -10.08
C HIS A 608 27.94 -17.86 -9.57
N PRO A 609 27.31 -18.56 -10.50
CA PRO A 609 26.32 -19.56 -10.11
C PRO A 609 26.91 -20.95 -9.92
N GLN A 610 26.32 -21.66 -8.98
CA GLN A 610 26.62 -23.06 -8.85
C GLN A 610 25.33 -23.84 -8.96
N GLY A 611 25.42 -25.02 -9.53
CA GLY A 611 24.20 -25.81 -9.71
C GLY A 611 24.14 -26.97 -8.72
N SER A 612 22.92 -27.31 -8.33
CA SER A 612 22.75 -28.47 -7.47
C SER A 612 22.96 -29.78 -8.21
N THR A 613 23.51 -30.78 -7.54
CA THR A 613 23.67 -32.08 -8.20
C THR A 613 22.67 -33.10 -7.65
N THR A 614 21.68 -32.65 -6.87
CA THR A 614 20.67 -33.57 -6.30
C THR A 614 19.27 -32.97 -6.26
N LYS A 615 19.10 -31.72 -6.66
CA LYS A 615 17.79 -31.08 -6.71
C LYS A 615 17.65 -30.41 -8.07
N TYR A 616 16.43 -30.43 -8.57
CA TYR A 616 16.12 -29.96 -9.92
C TYR A 616 14.82 -29.18 -9.86
N ARG A 617 14.56 -28.34 -10.84
CA ARG A 617 13.31 -27.57 -10.92
C ARG A 617 12.45 -28.18 -12.01
N ILE A 618 11.21 -28.52 -11.70
CA ILE A 618 10.29 -28.89 -12.76
C ILE A 618 9.25 -27.82 -12.90
N ILE A 619 8.95 -27.49 -14.14
CA ILE A 619 8.06 -26.39 -14.52
C ILE A 619 6.96 -26.92 -15.43
N PHE A 620 5.72 -26.53 -15.20
CA PHE A 620 4.66 -26.93 -16.11
C PHE A 620 3.52 -25.93 -16.02
N LYS A 621 2.62 -25.97 -16.99
CA LYS A 621 1.53 -25.01 -16.97
C LYS A 621 0.39 -25.57 -16.17
N ALA A 622 0.02 -24.87 -15.09
CA ALA A 622 -1.20 -25.28 -14.37
C ALA A 622 -2.39 -24.49 -14.89
N ARG A 623 -3.55 -25.14 -15.01
CA ARG A 623 -4.77 -24.51 -15.46
C ARG A 623 -5.77 -24.64 -14.34
N VAL A 624 -6.23 -23.50 -13.84
CA VAL A 624 -7.00 -23.54 -12.56
C VAL A 624 -8.33 -22.80 -12.69
N PRO A 625 -9.41 -23.33 -12.16
CA PRO A 625 -10.71 -22.68 -12.31
C PRO A 625 -10.75 -21.31 -11.61
N PRO A 626 -11.77 -20.53 -11.92
CA PRO A 626 -11.96 -19.24 -11.25
C PRO A 626 -12.09 -19.50 -9.77
N MET A 627 -11.40 -18.78 -8.90
CA MET A 627 -11.53 -18.90 -7.45
C MET A 627 -11.48 -20.38 -7.04
N GLY A 628 -10.58 -21.10 -7.69
CA GLY A 628 -10.66 -22.59 -7.55
C GLY A 628 -9.32 -23.25 -7.37
N LEU A 629 -9.34 -24.57 -7.47
CA LEU A 629 -8.18 -25.44 -7.21
C LEU A 629 -8.01 -26.50 -8.26
N ALA A 630 -6.78 -26.88 -8.53
CA ALA A 630 -6.53 -27.94 -9.51
C ALA A 630 -5.36 -28.77 -9.00
N THR A 631 -5.51 -30.08 -9.09
CA THR A 631 -4.53 -31.01 -8.54
C THR A 631 -3.73 -31.65 -9.67
N TYR A 632 -2.42 -31.77 -9.45
CA TYR A 632 -1.56 -32.46 -10.40
C TYR A 632 -0.72 -33.47 -9.63
N VAL A 633 -0.12 -34.40 -10.38
CA VAL A 633 0.69 -35.43 -9.77
C VAL A 633 2.09 -35.42 -10.42
N LEU A 634 3.13 -35.45 -9.61
CA LEU A 634 4.52 -35.53 -10.11
C LEU A 634 4.99 -36.96 -9.88
N THR A 635 5.50 -37.63 -10.90
CA THR A 635 5.91 -39.07 -10.74
C THR A 635 7.31 -39.25 -11.23
N ILE A 636 8.11 -40.00 -10.43
CA ILE A 636 9.46 -40.28 -10.90
C ILE A 636 9.48 -41.45 -11.88
N SER A 637 10.51 -41.43 -12.74
CA SER A 637 10.79 -42.62 -13.56
C SER A 637 12.30 -42.82 -13.64
N ASP A 638 12.72 -43.93 -14.28
CA ASP A 638 14.11 -44.32 -14.32
C ASP A 638 14.91 -43.61 -15.43
N SER A 639 14.21 -42.93 -16.33
CA SER A 639 14.88 -42.24 -17.41
C SER A 639 14.02 -41.10 -17.93
N LYS A 640 14.49 -40.37 -18.94
CA LYS A 640 13.75 -39.24 -19.45
C LYS A 640 12.31 -39.62 -19.77
N PRO A 641 11.33 -38.97 -19.15
CA PRO A 641 9.94 -39.18 -19.50
C PRO A 641 9.57 -38.54 -20.83
N GLU A 642 8.56 -39.13 -21.43
CA GLU A 642 8.19 -38.65 -22.75
C GLU A 642 7.74 -37.21 -22.81
N HIS A 643 7.08 -36.69 -21.80
CA HIS A 643 6.51 -35.33 -21.89
C HIS A 643 7.26 -34.31 -21.06
N THR A 644 8.49 -34.62 -20.71
CA THR A 644 9.37 -33.72 -19.97
C THR A 644 10.57 -33.40 -20.86
N SER A 645 10.87 -32.14 -21.07
CA SER A 645 12.11 -31.70 -21.74
C SER A 645 13.08 -31.10 -20.75
N TYR A 646 14.31 -30.88 -21.22
CA TYR A 646 15.38 -30.41 -20.34
C TYR A 646 15.98 -29.14 -20.92
N ALA A 647 16.17 -28.11 -20.12
CA ALA A 647 16.77 -26.86 -20.61
C ALA A 647 18.23 -27.04 -20.88
N SER A 648 18.71 -26.31 -21.87
CA SER A 648 20.15 -26.18 -22.03
C SER A 648 20.63 -25.04 -21.16
N ASN A 649 21.93 -25.04 -20.81
CA ASN A 649 22.53 -24.00 -19.96
C ASN A 649 23.87 -23.59 -20.56
N LEU A 650 24.09 -22.31 -20.59
CA LEU A 650 25.30 -21.71 -21.15
C LEU A 650 25.79 -20.68 -20.14
N LEU A 651 27.01 -20.88 -19.67
CA LEU A 651 27.66 -19.96 -18.77
C LEU A 651 28.69 -19.11 -19.53
N LEU A 652 28.46 -17.83 -19.59
CA LEU A 652 29.33 -16.91 -20.31
C LEU A 652 30.22 -16.21 -19.29
N ARG A 653 31.54 -16.48 -19.44
CA ARG A 653 32.53 -15.83 -18.60
C ARG A 653 33.89 -16.24 -19.15
N LYS A 654 34.86 -15.36 -18.97
CA LYS A 654 36.23 -15.81 -19.21
C LYS A 654 36.62 -16.70 -18.03
N ASN A 655 37.62 -17.54 -18.28
N ASN A 655 37.63 -17.51 -18.33
CA ASN A 655 38.13 -18.44 -17.25
CA ASN A 655 38.18 -18.44 -17.37
C ASN A 655 37.06 -19.26 -16.57
C ASN A 655 37.13 -19.27 -16.64
N PRO A 656 36.27 -19.98 -17.34
CA PRO A 656 35.27 -20.82 -16.69
C PRO A 656 35.93 -22.05 -16.08
N THR A 657 35.15 -22.59 -15.15
CA THR A 657 35.40 -23.87 -14.59
C THR A 657 34.12 -24.71 -14.74
N SER A 658 34.29 -26.02 -14.54
CA SER A 658 33.21 -26.93 -14.78
C SER A 658 32.02 -26.71 -13.83
N LEU A 659 30.87 -27.23 -14.31
CA LEU A 659 29.60 -27.13 -13.56
C LEU A 659 28.82 -28.44 -13.69
N PRO A 660 29.22 -29.42 -12.90
CA PRO A 660 28.48 -30.68 -12.91
C PRO A 660 27.10 -30.53 -12.31
N LEU A 661 26.18 -31.35 -12.78
CA LEU A 661 24.77 -31.18 -12.37
C LEU A 661 24.17 -32.52 -11.96
N GLY A 662 24.98 -33.44 -11.44
CA GLY A 662 24.39 -34.75 -11.09
C GLY A 662 23.73 -35.48 -12.24
N GLN A 663 22.51 -35.96 -12.02
CA GLN A 663 21.84 -36.73 -13.07
C GLN A 663 21.25 -35.91 -14.20
N TYR A 664 21.32 -34.61 -14.19
CA TYR A 664 20.72 -33.75 -15.27
C TYR A 664 21.23 -34.11 -16.64
N PRO A 665 20.36 -34.37 -17.61
CA PRO A 665 20.85 -35.02 -18.85
C PRO A 665 21.57 -34.13 -19.85
N GLU A 666 21.73 -32.82 -19.67
CA GLU A 666 22.36 -31.96 -20.70
C GLU A 666 23.55 -31.35 -20.00
N ASP A 667 24.75 -31.47 -20.56
CA ASP A 667 25.90 -30.84 -19.97
C ASP A 667 25.89 -29.32 -20.15
N VAL A 668 26.34 -28.59 -19.13
CA VAL A 668 26.46 -27.13 -19.26
C VAL A 668 27.50 -26.77 -20.32
N LYS A 669 27.22 -25.74 -21.09
CA LYS A 669 28.14 -25.23 -22.11
C LYS A 669 28.74 -23.94 -21.59
N PHE A 670 29.89 -23.59 -22.13
CA PHE A 670 30.63 -22.42 -21.70
C PHE A 670 31.05 -21.57 -22.88
N GLY A 671 31.25 -20.27 -22.67
CA GLY A 671 31.73 -19.43 -23.76
C GLY A 671 32.18 -18.11 -23.15
N ASP A 672 32.91 -17.34 -23.95
CA ASP A 672 33.19 -15.96 -23.54
C ASP A 672 31.93 -15.11 -23.63
N PRO A 673 31.87 -14.01 -22.86
CA PRO A 673 30.72 -13.14 -22.88
C PRO A 673 30.45 -12.68 -24.30
N ARG A 674 29.18 -12.67 -24.67
CA ARG A 674 28.75 -12.25 -26.04
C ARG A 674 27.29 -11.86 -25.94
N GLU A 675 26.89 -11.11 -26.95
CA GLU A 675 25.48 -10.78 -27.06
C GLU A 675 24.68 -12.05 -27.41
N ILE A 676 23.45 -12.09 -26.90
CA ILE A 676 22.63 -13.26 -27.17
C ILE A 676 21.19 -12.83 -27.35
N SER A 677 20.45 -13.67 -28.04
N SER A 677 20.46 -13.71 -28.03
CA SER A 677 19.02 -13.43 -28.26
CA SER A 677 19.04 -13.52 -28.25
C SER A 677 18.25 -14.71 -27.90
C SER A 677 18.26 -14.76 -27.88
N LEU A 678 17.04 -14.52 -27.40
CA LEU A 678 16.19 -15.64 -26.99
C LEU A 678 14.75 -15.37 -27.39
N ARG A 679 14.05 -16.46 -27.70
CA ARG A 679 12.61 -16.37 -27.98
C ARG A 679 11.94 -17.61 -27.37
N VAL A 680 10.95 -17.40 -26.51
CA VAL A 680 10.12 -18.49 -26.02
C VAL A 680 8.75 -18.48 -26.71
N GLY A 681 8.34 -19.65 -27.20
CA GLY A 681 7.02 -19.80 -27.79
C GLY A 681 6.81 -18.89 -28.98
N ASN A 682 5.61 -18.32 -29.07
CA ASN A 682 5.31 -17.32 -30.10
C ASN A 682 5.77 -15.92 -29.68
N GLY A 683 6.29 -15.80 -28.47
CA GLY A 683 6.36 -14.53 -27.79
C GLY A 683 7.41 -13.61 -28.41
N PRO A 684 7.82 -12.59 -27.67
CA PRO A 684 8.83 -11.65 -28.13
C PRO A 684 10.20 -12.30 -28.21
N THR A 685 11.03 -11.74 -29.07
CA THR A 685 12.47 -12.03 -29.09
C THR A 685 13.24 -10.91 -28.35
N LEU A 686 14.04 -11.32 -27.38
CA LEU A 686 14.74 -10.41 -26.54
C LEU A 686 16.24 -10.57 -26.83
N ALA A 687 16.91 -9.44 -27.01
CA ALA A 687 18.37 -9.43 -27.20
C ALA A 687 19.02 -8.80 -25.94
N PHE A 688 20.18 -9.40 -25.62
CA PHE A 688 20.92 -9.04 -24.42
C PHE A 688 22.34 -8.60 -24.75
N SER A 689 22.89 -7.68 -23.97
CA SER A 689 24.29 -7.26 -24.12
C SER A 689 25.16 -8.36 -23.57
N GLU A 690 26.45 -8.23 -23.83
CA GLU A 690 27.39 -9.23 -23.24
C GLU A 690 27.44 -9.12 -21.72
N GLN A 691 26.92 -8.06 -21.11
CA GLN A 691 26.81 -8.04 -19.65
C GLN A 691 25.49 -8.60 -19.15
N GLY A 692 24.73 -9.23 -20.02
CA GLY A 692 23.50 -9.92 -19.55
C GLY A 692 22.30 -9.04 -19.33
N LEU A 693 22.30 -7.85 -19.89
CA LEU A 693 21.22 -6.87 -19.73
C LEU A 693 20.48 -6.68 -21.01
N LEU A 694 19.18 -6.60 -20.91
CA LEU A 694 18.34 -6.40 -22.09
C LEU A 694 18.81 -5.20 -22.88
N LYS A 695 18.79 -5.39 -24.22
CA LYS A 695 19.05 -4.25 -25.11
C LYS A 695 17.92 -4.01 -26.11
N SER A 696 17.12 -5.01 -26.45
CA SER A 696 16.02 -4.74 -27.38
C SER A 696 14.98 -5.84 -27.27
N ILE A 697 13.75 -5.48 -27.68
CA ILE A 697 12.59 -6.37 -27.71
C ILE A 697 12.01 -6.32 -29.12
N GLN A 698 11.84 -7.48 -29.73
CA GLN A 698 11.14 -7.62 -30.98
C GLN A 698 9.82 -8.35 -30.77
N LEU A 699 8.70 -7.64 -30.97
CA LEU A 699 7.42 -8.23 -30.57
C LEU A 699 7.05 -9.40 -31.47
N THR A 700 7.29 -9.27 -32.78
CA THR A 700 6.78 -10.28 -33.72
C THR A 700 7.92 -10.68 -34.65
N GLN A 701 7.87 -11.85 -35.27
CA GLN A 701 8.87 -12.34 -36.22
C GLN A 701 9.46 -11.31 -37.19
N ASP A 702 8.60 -10.38 -37.56
CA ASP A 702 8.65 -9.46 -38.65
C ASP A 702 8.97 -8.03 -38.26
N SER A 703 8.59 -7.74 -37.03
CA SER A 703 8.65 -6.37 -36.51
C SER A 703 10.07 -6.00 -36.13
N PRO A 704 10.33 -4.70 -35.88
CA PRO A 704 11.67 -4.24 -35.53
C PRO A 704 12.17 -4.58 -34.13
N HIS A 705 13.52 -4.62 -33.98
CA HIS A 705 14.09 -4.72 -32.64
C HIS A 705 14.03 -3.35 -31.96
N VAL A 706 13.14 -3.15 -31.01
CA VAL A 706 12.90 -1.90 -30.36
C VAL A 706 13.91 -1.78 -29.25
N PRO A 707 14.74 -0.74 -29.28
CA PRO A 707 15.70 -0.57 -28.19
C PRO A 707 15.02 -0.36 -26.83
N VAL A 708 15.42 -1.24 -25.90
CA VAL A 708 14.94 -1.19 -24.52
C VAL A 708 16.14 -1.67 -23.71
N HIS A 709 16.80 -0.74 -23.04
N HIS A 709 16.85 -0.74 -23.12
CA HIS A 709 18.09 -1.01 -22.41
CA HIS A 709 18.08 -1.12 -22.42
C HIS A 709 18.04 -0.93 -20.90
C HIS A 709 17.80 -1.04 -20.92
N PHE A 710 18.28 -2.03 -20.18
CA PHE A 710 18.36 -1.96 -18.72
C PHE A 710 19.75 -1.50 -18.31
N LYS A 711 19.84 -0.69 -17.29
CA LYS A 711 21.09 -0.16 -16.74
C LYS A 711 20.90 -0.01 -15.25
N PHE A 712 21.94 -0.28 -14.47
CA PHE A 712 21.96 -0.01 -13.05
C PHE A 712 22.88 1.17 -12.75
N LEU A 713 22.41 2.09 -11.91
CA LEU A 713 23.18 3.28 -11.56
C LEU A 713 23.10 3.48 -10.05
N LYS A 714 23.87 4.41 -9.50
CA LYS A 714 23.90 4.70 -8.09
C LYS A 714 23.77 6.20 -7.89
N TYR A 715 22.92 6.55 -6.94
CA TYR A 715 22.91 7.87 -6.34
C TYR A 715 23.71 7.90 -5.05
N GLY A 716 24.32 9.03 -4.75
CA GLY A 716 25.01 9.19 -3.46
C GLY A 716 24.29 10.23 -2.62
N VAL A 717 25.05 10.73 -1.62
CA VAL A 717 24.51 11.66 -0.59
C VAL A 717 25.38 12.91 -0.59
N ARG A 718 24.82 14.04 -0.22
CA ARG A 718 25.57 15.31 -0.26
C ARG A 718 26.58 15.40 0.84
N SER A 719 27.75 15.93 0.51
CA SER A 719 28.76 16.01 1.57
C SER A 719 28.61 17.33 2.32
N HIS A 720 27.91 18.28 1.73
CA HIS A 720 27.46 19.42 2.50
C HIS A 720 25.97 19.64 2.36
N GLY A 721 25.40 20.25 3.39
CA GLY A 721 23.98 20.47 3.42
C GLY A 721 23.23 19.23 3.84
N ASP A 722 21.97 19.14 3.44
CA ASP A 722 21.09 18.17 4.07
C ASP A 722 21.36 16.77 3.53
N ARG A 723 21.30 15.79 4.42
N ARG A 723 21.30 15.79 4.42
CA ARG A 723 21.59 14.40 4.08
CA ARG A 723 21.59 14.41 4.08
C ARG A 723 20.31 13.59 3.85
C ARG A 723 20.33 13.58 3.86
N SER A 724 20.35 12.74 2.84
CA SER A 724 19.30 11.73 2.68
C SER A 724 19.21 10.85 3.92
N GLY A 725 17.99 10.37 4.23
CA GLY A 725 17.83 9.44 5.34
C GLY A 725 16.56 8.61 4.99
N ALA A 726 15.93 8.00 6.00
CA ALA A 726 14.80 7.12 5.68
C ALA A 726 13.64 7.80 4.97
N TYR A 727 13.49 9.11 5.26
CA TYR A 727 12.39 9.86 4.65
C TYR A 727 12.80 10.57 3.38
N LEU A 728 13.91 11.31 3.48
CA LEU A 728 14.30 12.26 2.42
C LEU A 728 15.24 11.67 1.39
N PHE A 729 15.01 12.03 0.13
CA PHE A 729 15.92 11.69 -0.94
C PHE A 729 16.59 13.00 -1.38
N LEU A 730 17.89 13.12 -1.08
CA LEU A 730 18.62 14.36 -1.38
C LEU A 730 19.91 13.95 -2.11
N PRO A 731 19.76 13.57 -3.38
CA PRO A 731 20.94 13.01 -4.07
C PRO A 731 21.97 14.10 -4.32
N ASN A 732 23.21 13.65 -4.52
CA ASN A 732 24.28 14.58 -4.89
C ASN A 732 24.35 14.58 -6.40
N GLY A 733 23.33 14.91 -7.11
CA GLY A 733 23.32 14.97 -8.56
C GLY A 733 22.75 13.69 -9.14
N PRO A 734 22.63 13.71 -10.47
CA PRO A 734 22.12 12.54 -11.19
C PRO A 734 22.99 11.33 -10.89
N ALA A 735 22.36 10.16 -11.12
CA ALA A 735 22.99 8.88 -10.86
C ALA A 735 24.16 8.60 -11.76
N SER A 736 25.12 7.83 -11.22
CA SER A 736 26.35 7.42 -11.91
C SER A 736 26.26 5.95 -12.22
N PRO A 737 26.68 5.47 -13.41
CA PRO A 737 26.54 4.06 -13.69
C PRO A 737 27.28 3.19 -12.68
N VAL A 738 26.67 2.05 -12.28
CA VAL A 738 27.45 1.03 -11.53
C VAL A 738 28.53 0.49 -12.46
N GLU A 739 29.78 0.42 -12.01
CA GLU A 739 30.84 -0.24 -12.72
C GLU A 739 30.65 -1.76 -12.70
N LEU A 740 30.43 -2.37 -13.87
CA LEU A 740 30.05 -3.78 -13.86
C LEU A 740 31.19 -4.75 -14.00
N GLY A 741 32.38 -4.32 -14.37
CA GLY A 741 33.46 -5.28 -14.63
C GLY A 741 33.06 -6.16 -15.82
N GLN A 742 33.41 -7.43 -15.73
N GLN A 742 33.39 -7.43 -15.74
CA GLN A 742 33.04 -8.45 -16.69
CA GLN A 742 33.04 -8.49 -16.68
C GLN A 742 32.22 -9.52 -15.97
C GLN A 742 32.23 -9.53 -15.90
N PRO A 743 30.93 -9.23 -15.76
CA PRO A 743 30.12 -10.12 -14.93
C PRO A 743 29.85 -11.44 -15.62
N VAL A 744 29.56 -12.45 -14.73
CA VAL A 744 29.21 -13.79 -15.24
C VAL A 744 27.74 -13.86 -15.60
N VAL A 745 27.43 -14.39 -16.78
CA VAL A 745 26.09 -14.45 -17.33
C VAL A 745 25.68 -15.87 -17.54
N LEU A 746 24.52 -16.26 -17.06
CA LEU A 746 24.00 -17.63 -17.18
C LEU A 746 22.74 -17.61 -18.04
N VAL A 747 22.73 -18.36 -19.12
CA VAL A 747 21.61 -18.43 -20.05
C VAL A 747 21.03 -19.84 -19.95
N THR A 748 19.76 -19.89 -19.60
CA THR A 748 19.06 -21.16 -19.56
C THR A 748 17.98 -21.12 -20.65
N LYS A 749 17.98 -22.07 -21.57
CA LYS A 749 17.06 -22.07 -22.68
C LYS A 749 16.20 -23.31 -22.64
N GLY A 750 14.90 -23.12 -22.51
CA GLY A 750 13.99 -24.27 -22.45
C GLY A 750 12.77 -24.00 -23.30
N LYS A 751 12.02 -25.06 -23.58
CA LYS A 751 10.80 -24.93 -24.39
C LYS A 751 9.75 -24.08 -23.71
N LEU A 752 9.67 -24.19 -22.40
CA LEU A 752 8.60 -23.48 -21.65
C LEU A 752 9.12 -22.23 -20.98
N GLU A 753 10.40 -22.19 -20.59
CA GLU A 753 10.93 -21.05 -19.83
C GLU A 753 12.39 -20.93 -20.16
N SER A 754 12.80 -19.71 -20.53
CA SER A 754 14.20 -19.37 -20.70
C SER A 754 14.55 -18.19 -19.82
N SER A 755 15.84 -17.99 -19.56
N SER A 755 15.85 -18.02 -19.55
CA SER A 755 16.20 -16.84 -18.75
CA SER A 755 16.30 -16.98 -18.62
C SER A 755 17.68 -16.49 -18.96
C SER A 755 17.69 -16.49 -18.99
N VAL A 756 17.96 -15.23 -18.67
CA VAL A 756 19.33 -14.71 -18.67
C VAL A 756 19.51 -14.13 -17.28
N SER A 757 20.54 -14.59 -16.56
CA SER A 757 20.81 -14.11 -15.21
C SER A 757 22.25 -13.59 -15.16
N VAL A 758 22.50 -12.50 -14.45
CA VAL A 758 23.84 -11.95 -14.38
C VAL A 758 24.12 -11.47 -12.97
N GLY A 759 25.32 -11.79 -12.49
CA GLY A 759 25.74 -11.39 -11.16
C GLY A 759 26.45 -10.06 -11.22
N LEU A 760 25.71 -8.99 -10.99
CA LEU A 760 26.28 -7.65 -10.98
C LEU A 760 26.62 -7.22 -9.59
N PRO A 761 27.41 -6.18 -9.40
CA PRO A 761 27.64 -5.69 -8.02
C PRO A 761 26.32 -5.24 -7.42
N SER A 762 26.02 -5.86 -6.28
CA SER A 762 24.86 -5.69 -5.44
C SER A 762 23.57 -6.24 -6.03
N VAL A 763 23.55 -6.79 -7.25
CA VAL A 763 22.29 -7.27 -7.82
C VAL A 763 22.50 -8.49 -8.68
N VAL A 764 21.79 -9.58 -8.33
CA VAL A 764 21.69 -10.68 -9.31
C VAL A 764 20.44 -10.38 -10.10
N HIS A 765 20.62 -10.04 -11.37
CA HIS A 765 19.56 -9.54 -12.25
C HIS A 765 19.16 -10.64 -13.22
N GLN A 766 17.87 -10.93 -13.31
N GLN A 766 17.87 -10.93 -13.33
CA GLN A 766 17.40 -12.04 -14.12
CA GLN A 766 17.41 -12.05 -14.12
C GLN A 766 16.24 -11.56 -14.97
C GLN A 766 16.19 -11.70 -14.93
N THR A 767 16.27 -11.97 -16.22
CA THR A 767 15.20 -11.77 -17.19
C THR A 767 14.64 -13.13 -17.56
N ILE A 768 13.35 -13.38 -17.32
CA ILE A 768 12.73 -14.66 -17.50
C ILE A 768 11.66 -14.56 -18.56
N MET A 769 11.70 -15.46 -19.52
N MET A 769 11.63 -15.55 -19.43
CA MET A 769 10.82 -15.41 -20.69
CA MET A 769 10.73 -15.63 -20.57
C MET A 769 9.96 -16.66 -20.71
C MET A 769 9.88 -16.88 -20.53
N ARG A 770 8.63 -16.54 -20.69
N ARG A 770 8.58 -16.69 -20.69
CA ARG A 770 7.74 -17.70 -20.73
CA ARG A 770 7.68 -17.79 -20.71
C ARG A 770 6.77 -17.64 -21.89
C ARG A 770 6.73 -17.66 -21.90
N GLY A 771 7.03 -16.75 -22.81
CA GLY A 771 6.20 -16.68 -24.02
C GLY A 771 5.46 -15.39 -24.06
N GLY A 772 5.35 -14.64 -22.98
CA GLY A 772 4.76 -13.31 -23.08
C GLY A 772 5.72 -12.22 -22.63
N ALA A 773 5.19 -11.18 -21.99
CA ALA A 773 6.09 -10.16 -21.45
C ALA A 773 7.07 -10.79 -20.47
N PRO A 774 8.32 -10.40 -20.50
CA PRO A 774 9.28 -11.00 -19.60
C PRO A 774 8.98 -10.60 -18.15
N GLU A 775 9.52 -11.44 -17.27
CA GLU A 775 9.55 -11.22 -15.84
C GLU A 775 10.99 -10.82 -15.50
N ILE A 776 11.17 -9.82 -14.69
CA ILE A 776 12.48 -9.42 -14.19
C ILE A 776 12.52 -9.71 -12.71
N ARG A 777 13.59 -10.33 -12.24
CA ARG A 777 13.80 -10.52 -10.80
C ARG A 777 15.18 -9.97 -10.46
N ASN A 778 15.25 -9.13 -9.43
CA ASN A 778 16.52 -8.65 -8.94
C ASN A 778 16.72 -9.10 -7.51
N LEU A 779 17.79 -9.85 -7.25
CA LEU A 779 18.12 -10.14 -5.85
C LEU A 779 19.10 -9.06 -5.46
N VAL A 780 18.60 -8.15 -4.63
CA VAL A 780 19.34 -6.92 -4.33
C VAL A 780 19.98 -7.01 -2.95
N ASP A 781 21.30 -6.94 -2.93
CA ASP A 781 22.06 -6.99 -1.66
C ASP A 781 23.05 -5.86 -1.67
N ILE A 782 22.70 -4.73 -1.13
CA ILE A 782 23.53 -3.52 -1.14
C ILE A 782 24.65 -3.61 -0.16
N GLY A 783 24.68 -4.68 0.62
CA GLY A 783 25.95 -5.01 1.26
C GLY A 783 26.32 -3.89 2.23
N SER A 784 27.57 -3.49 2.16
CA SER A 784 28.05 -2.47 3.11
C SER A 784 28.29 -1.19 2.33
N LEU A 785 27.57 -1.01 1.21
CA LEU A 785 27.76 0.24 0.45
C LEU A 785 27.09 1.45 1.06
N ASP A 786 27.78 2.10 1.98
CA ASP A 786 27.16 3.21 2.67
C ASP A 786 26.87 4.36 1.72
N ASN A 787 25.83 5.09 2.08
CA ASN A 787 25.41 6.31 1.40
C ASN A 787 25.26 6.09 -0.10
N THR A 788 24.54 5.04 -0.43
CA THR A 788 24.30 4.64 -1.82
C THR A 788 22.84 4.27 -2.03
N GLU A 789 22.26 4.68 -3.14
CA GLU A 789 20.95 4.23 -3.55
C GLU A 789 21.13 3.60 -4.93
N ILE A 790 20.69 2.36 -5.09
N ILE A 790 20.66 2.38 -5.10
CA ILE A 790 20.86 1.66 -6.36
CA ILE A 790 20.84 1.64 -6.36
C ILE A 790 19.56 1.78 -7.15
C ILE A 790 19.54 1.77 -7.15
N VAL A 791 19.63 2.26 -8.39
CA VAL A 791 18.48 2.45 -9.26
C VAL A 791 18.59 1.56 -10.48
N MET A 792 17.46 1.03 -10.90
CA MET A 792 17.35 0.30 -12.16
C MET A 792 16.67 1.23 -13.17
N ARG A 793 17.35 1.52 -14.27
CA ARG A 793 16.78 2.40 -15.28
C ARG A 793 16.55 1.63 -16.57
N LEU A 794 15.51 2.01 -17.30
CA LEU A 794 15.22 1.57 -18.65
C LEU A 794 15.39 2.75 -19.58
N GLU A 795 16.17 2.55 -20.65
CA GLU A 795 16.33 3.60 -21.66
C GLU A 795 15.70 3.14 -22.97
N THR A 796 14.85 3.98 -23.58
CA THR A 796 14.21 3.63 -24.83
C THR A 796 14.21 4.86 -25.74
N HIS A 797 13.66 4.66 -26.94
CA HIS A 797 13.44 5.75 -27.90
C HIS A 797 12.02 6.24 -27.92
N ILE A 798 11.24 5.85 -26.92
CA ILE A 798 9.84 6.30 -26.87
C ILE A 798 9.82 7.80 -26.65
N ASP A 799 9.07 8.53 -27.45
CA ASP A 799 9.12 10.00 -27.37
C ASP A 799 8.11 10.53 -26.35
N SER A 800 8.41 10.24 -25.05
CA SER A 800 7.46 10.57 -23.98
C SER A 800 7.65 11.99 -23.51
N GLY A 801 8.74 12.66 -23.81
CA GLY A 801 8.90 14.02 -23.43
C GLY A 801 9.07 14.21 -21.95
N ASP A 802 8.16 14.89 -21.29
CA ASP A 802 8.19 15.05 -19.86
C ASP A 802 7.01 14.31 -19.17
N ILE A 803 6.30 13.45 -19.91
CA ILE A 803 5.16 12.79 -19.32
C ILE A 803 5.47 11.36 -18.96
N PHE A 804 4.91 10.90 -17.83
CA PHE A 804 4.98 9.48 -17.47
C PHE A 804 3.79 9.22 -16.56
N TYR A 805 3.54 7.97 -16.27
CA TYR A 805 2.37 7.57 -15.48
C TYR A 805 2.82 6.64 -14.37
N THR A 806 2.26 6.87 -13.19
CA THR A 806 2.54 5.99 -12.05
C THR A 806 1.22 5.68 -11.41
N ASP A 807 1.17 4.59 -10.64
CA ASP A 807 -0.11 4.26 -10.02
C ASP A 807 -0.20 4.84 -8.60
N LEU A 808 -1.45 4.89 -8.12
CA LEU A 808 -1.72 5.27 -6.75
C LEU A 808 -2.38 4.05 -6.11
N ASN A 809 -1.65 3.47 -5.15
CA ASN A 809 -2.18 2.38 -4.33
C ASN A 809 -2.69 1.18 -5.12
N GLY A 810 -2.13 0.94 -6.30
CA GLY A 810 -2.61 -0.22 -7.06
C GLY A 810 -4.01 -0.05 -7.60
N LEU A 811 -4.59 1.17 -7.54
CA LEU A 811 -5.96 1.40 -7.90
C LEU A 811 -6.15 2.11 -9.22
N GLN A 812 -5.28 3.07 -9.51
CA GLN A 812 -5.48 3.99 -10.65
C GLN A 812 -4.09 4.46 -11.07
N PHE A 813 -4.00 4.85 -12.32
CA PHE A 813 -2.75 5.41 -12.85
C PHE A 813 -2.98 6.90 -13.13
N ILE A 814 -2.06 7.70 -12.64
CA ILE A 814 -2.16 9.15 -12.71
C ILE A 814 -1.03 9.68 -13.58
N LYS A 815 -1.34 10.65 -14.44
CA LYS A 815 -0.35 11.32 -15.26
C LYS A 815 0.55 12.19 -14.40
N ARG A 816 1.86 12.00 -14.65
CA ARG A 816 2.89 12.82 -14.03
C ARG A 816 3.58 13.65 -15.12
N ARG A 817 4.02 14.83 -14.74
CA ARG A 817 4.86 15.62 -15.60
C ARG A 817 6.16 15.95 -14.88
N ARG A 818 7.26 15.53 -15.47
CA ARG A 818 8.57 15.89 -14.94
C ARG A 818 8.73 17.41 -15.05
N LEU A 819 9.14 18.07 -13.97
CA LEU A 819 9.25 19.53 -14.02
C LEU A 819 10.68 19.92 -13.72
N ASP A 820 11.31 20.59 -14.66
CA ASP A 820 12.68 20.95 -14.43
C ASP A 820 12.79 22.12 -13.47
N LYS A 821 11.68 22.80 -13.16
CA LYS A 821 11.73 23.81 -12.12
C LYS A 821 11.80 23.19 -10.72
N LEU A 822 11.65 21.86 -10.63
CA LEU A 822 11.78 21.18 -9.34
C LEU A 822 13.03 20.32 -9.36
N PRO A 823 13.62 20.04 -8.19
CA PRO A 823 14.83 19.21 -8.17
C PRO A 823 14.51 17.74 -8.43
N LEU A 824 15.55 16.95 -8.73
CA LEU A 824 15.38 15.58 -9.16
C LEU A 824 14.48 14.81 -8.20
N GLN A 825 14.73 14.95 -6.90
CA GLN A 825 14.00 14.16 -5.88
C GLN A 825 12.52 14.52 -5.81
N ALA A 826 12.12 15.70 -6.34
CA ALA A 826 10.69 16.09 -6.39
C ALA A 826 9.99 15.40 -7.56
N ASN A 827 10.81 14.94 -8.55
CA ASN A 827 10.22 14.25 -9.70
C ASN A 827 10.11 12.73 -9.47
N TYR A 828 10.50 12.28 -8.27
CA TYR A 828 10.26 10.90 -7.86
C TYR A 828 8.88 10.79 -7.24
N TYR A 829 8.20 9.71 -7.57
CA TYR A 829 6.84 9.43 -7.12
C TYR A 829 6.79 7.98 -6.61
N PRO A 830 5.78 7.68 -5.85
CA PRO A 830 5.58 6.27 -5.42
C PRO A 830 5.30 5.45 -6.67
N ILE A 831 5.88 4.26 -6.72
CA ILE A 831 5.50 3.26 -7.71
C ILE A 831 4.94 2.05 -6.96
N PRO A 832 3.71 2.17 -6.47
CA PRO A 832 3.18 1.05 -5.67
C PRO A 832 2.92 -0.17 -6.46
N SER A 833 2.64 -0.10 -7.76
CA SER A 833 2.43 -1.30 -8.57
C SER A 833 2.80 -1.16 -10.02
N GLY A 834 3.01 0.05 -10.53
CA GLY A 834 3.42 0.08 -11.93
C GLY A 834 3.68 1.51 -12.39
N MET A 835 4.30 1.59 -13.55
CA MET A 835 4.57 2.90 -14.17
C MET A 835 4.69 2.63 -15.68
N PHE A 836 4.44 3.70 -16.46
CA PHE A 836 4.65 3.53 -17.92
C PHE A 836 5.00 4.89 -18.53
N ILE A 837 5.61 4.79 -19.72
CA ILE A 837 5.79 5.91 -20.63
C ILE A 837 5.23 5.49 -21.99
N GLU A 838 4.81 6.52 -22.77
CA GLU A 838 4.29 6.23 -24.10
C GLU A 838 4.44 7.44 -25.00
N ASP A 839 4.37 7.10 -26.29
CA ASP A 839 4.21 8.19 -27.29
C ASP A 839 3.02 7.79 -28.13
N ALA A 840 2.90 8.37 -29.33
CA ALA A 840 1.73 8.06 -30.16
C ALA A 840 1.65 6.58 -30.51
N ASN A 841 2.82 5.93 -30.59
CA ASN A 841 2.85 4.57 -31.15
C ASN A 841 3.23 3.44 -30.18
N THR A 842 4.01 3.74 -29.17
CA THR A 842 4.66 2.72 -28.36
C THR A 842 4.51 3.06 -26.90
N ARG A 843 4.27 2.01 -26.10
CA ARG A 843 4.23 2.17 -24.62
C ARG A 843 5.15 1.12 -24.00
N LEU A 844 5.85 1.52 -22.93
CA LEU A 844 6.58 0.57 -22.07
C LEU A 844 6.03 0.69 -20.67
N THR A 845 5.56 -0.46 -20.17
CA THR A 845 4.98 -0.48 -18.81
C THR A 845 5.84 -1.42 -17.95
N LEU A 846 6.19 -0.97 -16.77
CA LEU A 846 6.93 -1.77 -15.80
C LEU A 846 5.99 -1.98 -14.62
N LEU A 847 5.60 -3.23 -14.40
CA LEU A 847 4.74 -3.60 -13.27
C LEU A 847 5.63 -4.13 -12.15
N THR A 848 5.26 -3.84 -10.89
N THR A 848 5.16 -3.90 -10.93
CA THR A 848 6.09 -4.25 -9.76
CA THR A 848 5.99 -4.16 -9.77
C THR A 848 5.30 -5.18 -8.85
C THR A 848 5.35 -4.99 -8.68
N GLY A 849 6.09 -5.96 -8.12
CA GLY A 849 5.57 -6.81 -7.05
C GLY A 849 5.79 -6.20 -5.67
N GLN A 850 6.20 -4.94 -5.64
CA GLN A 850 6.52 -4.28 -4.37
C GLN A 850 6.52 -2.80 -4.64
N PRO A 851 6.12 -1.99 -3.68
CA PRO A 851 6.20 -0.53 -3.88
C PRO A 851 7.63 -0.05 -3.72
N LEU A 852 8.04 0.80 -4.71
CA LEU A 852 9.38 1.41 -4.70
C LEU A 852 9.24 2.83 -5.24
N GLY A 853 10.25 3.64 -5.16
CA GLY A 853 10.19 5.00 -5.73
C GLY A 853 10.69 4.99 -7.15
N GLY A 854 10.19 5.92 -7.99
CA GLY A 854 10.68 5.94 -9.37
C GLY A 854 10.30 7.19 -10.07
N SER A 855 10.77 7.28 -11.33
CA SER A 855 10.54 8.50 -12.10
C SER A 855 10.80 8.18 -13.55
N SER A 856 10.62 9.26 -14.35
CA SER A 856 11.17 9.28 -15.73
C SER A 856 11.94 10.59 -15.81
N LEU A 857 13.24 10.57 -15.71
CA LEU A 857 14.02 11.79 -15.63
C LEU A 857 14.44 12.35 -16.97
N ALA A 858 14.16 11.61 -18.03
CA ALA A 858 14.39 12.11 -19.39
C ALA A 858 13.43 11.37 -20.30
N SER A 859 13.13 11.98 -21.44
CA SER A 859 12.26 11.37 -22.40
C SER A 859 12.74 9.95 -22.72
N GLY A 860 11.80 8.99 -22.76
CA GLY A 860 12.13 7.62 -23.11
C GLY A 860 12.67 6.79 -21.94
N GLU A 861 12.82 7.38 -20.73
CA GLU A 861 13.35 6.58 -19.61
C GLU A 861 12.30 6.26 -18.57
N LEU A 862 12.50 5.14 -17.91
CA LEU A 862 11.81 4.83 -16.65
C LEU A 862 12.90 4.45 -15.65
N GLU A 863 12.73 4.72 -14.38
CA GLU A 863 13.70 4.23 -13.40
C GLU A 863 12.96 3.97 -12.10
N ILE A 864 13.52 3.00 -11.37
CA ILE A 864 12.87 2.59 -10.10
C ILE A 864 13.99 2.20 -9.12
N MET A 865 13.92 2.76 -7.94
CA MET A 865 14.96 2.52 -6.94
C MET A 865 14.82 1.14 -6.35
N GLN A 866 15.95 0.46 -6.15
CA GLN A 866 15.97 -0.91 -5.65
C GLN A 866 16.22 -0.98 -4.15
N ASP A 867 17.21 -0.21 -3.65
CA ASP A 867 17.46 -0.18 -2.21
C ASP A 867 18.30 1.06 -1.99
N ARG A 868 18.39 1.41 -0.72
CA ARG A 868 19.14 2.59 -0.29
C ARG A 868 19.72 2.33 1.09
N ARG A 869 21.00 2.70 1.27
CA ARG A 869 21.72 2.48 2.54
C ARG A 869 22.31 3.81 2.92
N LEU A 870 21.86 4.38 4.03
CA LEU A 870 22.17 5.77 4.40
C LEU A 870 22.70 5.86 5.81
N ALA A 871 23.89 6.45 5.92
CA ALA A 871 24.48 6.51 7.25
C ALA A 871 23.92 7.53 8.21
N SER A 872 23.30 8.57 7.63
CA SER A 872 22.86 9.68 8.50
C SER A 872 21.36 9.67 8.72
N ASP A 873 21.02 10.33 9.84
CA ASP A 873 19.65 10.69 10.09
C ASP A 873 19.26 11.96 9.35
N ASP A 874 17.99 12.00 8.97
CA ASP A 874 17.52 13.11 8.14
C ASP A 874 16.61 14.07 8.91
N GLU A 875 16.78 14.10 10.23
CA GLU A 875 16.22 15.17 11.08
C GLU A 875 14.70 15.22 11.08
N ARG A 876 14.04 14.08 10.96
CA ARG A 876 12.57 14.03 10.98
C ARG A 876 12.09 13.22 12.17
N GLY A 877 12.98 12.84 13.10
CA GLY A 877 12.63 12.24 14.36
C GLY A 877 13.03 10.79 14.53
N LEU A 878 13.46 10.14 13.44
CA LEU A 878 13.81 8.72 13.54
C LEU A 878 15.06 8.51 14.37
N GLY A 879 16.06 9.42 14.24
CA GLY A 879 17.25 9.23 15.11
C GLY A 879 18.19 8.14 14.64
N GLN A 880 18.16 7.77 13.38
CA GLN A 880 19.10 6.80 12.83
C GLN A 880 19.03 6.89 11.30
N GLY A 881 20.08 6.44 10.65
CA GLY A 881 20.09 6.22 9.21
C GLY A 881 19.40 4.88 8.92
N VAL A 882 19.70 4.40 7.74
CA VAL A 882 19.18 3.13 7.21
C VAL A 882 20.37 2.23 6.89
N LEU A 883 20.75 1.39 7.85
CA LEU A 883 21.94 0.55 7.76
C LEU A 883 21.61 -0.89 8.09
N ASP A 884 20.35 -1.24 7.98
CA ASP A 884 19.84 -2.58 8.31
C ASP A 884 19.35 -3.32 7.07
N ASN A 885 19.89 -2.96 5.91
CA ASN A 885 19.51 -3.64 4.69
C ASN A 885 19.68 -5.14 4.76
N LYS A 886 18.83 -5.87 4.05
CA LYS A 886 19.02 -7.30 3.89
C LYS A 886 18.61 -7.65 2.46
N PRO A 887 19.11 -8.77 1.93
CA PRO A 887 18.77 -9.15 0.56
C PRO A 887 17.29 -9.27 0.33
N VAL A 888 16.83 -8.73 -0.81
CA VAL A 888 15.41 -8.73 -1.15
C VAL A 888 15.33 -9.11 -2.62
N LEU A 889 14.34 -9.95 -2.94
CA LEU A 889 14.07 -10.31 -4.32
C LEU A 889 12.91 -9.47 -4.86
N HIS A 890 13.22 -8.48 -5.62
CA HIS A 890 12.22 -7.64 -6.28
C HIS A 890 11.79 -8.28 -7.57
N ILE A 891 10.48 -8.20 -7.88
CA ILE A 891 9.95 -8.84 -9.07
C ILE A 891 9.17 -7.81 -9.88
N TYR A 892 9.19 -8.00 -11.19
CA TYR A 892 8.60 -7.11 -12.16
C TYR A 892 8.11 -7.86 -13.38
N ARG A 893 7.23 -7.18 -14.16
CA ARG A 893 6.96 -7.61 -15.53
C ARG A 893 7.20 -6.39 -16.40
N LEU A 894 7.71 -6.65 -17.61
CA LEU A 894 8.06 -5.56 -18.52
C LEU A 894 7.26 -5.75 -19.82
N VAL A 895 6.37 -4.81 -20.09
CA VAL A 895 5.43 -4.96 -21.22
C VAL A 895 5.65 -3.85 -22.23
N LEU A 896 6.22 -4.21 -23.38
CA LEU A 896 6.35 -3.31 -24.50
C LEU A 896 5.17 -3.56 -25.43
N GLU A 897 4.48 -2.45 -25.82
CA GLU A 897 3.27 -2.65 -26.62
C GLU A 897 3.17 -1.57 -27.68
N LYS A 898 2.54 -1.91 -28.80
CA LYS A 898 2.07 -0.91 -29.76
C LYS A 898 0.73 -0.37 -29.30
N VAL A 899 0.63 0.94 -29.24
CA VAL A 899 -0.61 1.56 -28.70
C VAL A 899 -1.23 2.57 -29.67
N ASN A 900 -0.76 2.60 -30.93
CA ASN A 900 -1.34 3.60 -31.84
C ASN A 900 -2.80 3.29 -32.16
N ASN A 901 -3.31 2.10 -32.00
CA ASN A 901 -4.73 1.86 -32.21
C ASN A 901 -5.55 1.95 -30.94
N CYS A 902 -4.94 2.24 -29.81
CA CYS A 902 -5.69 2.26 -28.56
C CYS A 902 -6.48 3.54 -28.41
N VAL A 903 -7.69 3.44 -27.87
CA VAL A 903 -8.45 4.63 -27.56
C VAL A 903 -8.00 5.12 -26.19
N ARG A 904 -7.26 6.22 -26.22
CA ARG A 904 -6.66 6.75 -25.01
C ARG A 904 -7.36 8.04 -24.62
N PRO A 905 -7.18 8.46 -23.38
CA PRO A 905 -7.71 9.76 -22.99
C PRO A 905 -7.07 10.88 -23.82
N SER A 906 -7.79 12.01 -23.86
CA SER A 906 -7.22 13.20 -24.50
C SER A 906 -6.02 13.72 -23.74
N LYS A 907 -5.28 14.58 -24.41
CA LYS A 907 -4.07 15.16 -23.85
C LYS A 907 -4.38 15.90 -22.55
N LEU A 908 -5.58 16.43 -22.30
CA LEU A 908 -5.84 17.16 -21.06
C LEU A 908 -6.26 16.25 -19.92
N HIS A 909 -6.52 14.98 -20.18
CA HIS A 909 -7.07 14.13 -19.11
C HIS A 909 -6.00 13.75 -18.11
N PRO A 910 -6.24 13.78 -16.82
CA PRO A 910 -5.20 13.50 -15.83
C PRO A 910 -4.94 12.01 -15.58
N ALA A 911 -5.68 11.09 -16.18
CA ALA A 911 -5.48 9.66 -15.89
C ALA A 911 -4.86 8.95 -17.05
N GLY A 912 -4.32 7.78 -16.78
CA GLY A 912 -4.01 6.80 -17.85
C GLY A 912 -4.55 5.45 -17.43
N TYR A 913 -4.53 4.49 -18.35
CA TYR A 913 -5.12 3.16 -18.11
C TYR A 913 -4.22 2.12 -18.71
N LEU A 914 -4.16 0.96 -18.04
CA LEU A 914 -3.41 -0.16 -18.56
C LEU A 914 -4.14 -0.82 -19.73
N THR A 915 -3.36 -1.54 -20.54
CA THR A 915 -3.86 -2.50 -21.45
C THR A 915 -4.17 -3.83 -20.73
N SER A 916 -4.89 -4.70 -21.42
CA SER A 916 -5.14 -6.04 -20.86
C SER A 916 -3.87 -6.76 -20.49
N ALA A 917 -2.86 -6.73 -21.37
CA ALA A 917 -1.67 -7.53 -21.05
C ALA A 917 -0.93 -6.95 -19.86
N ALA A 918 -0.92 -5.63 -19.70
CA ALA A 918 -0.22 -5.09 -18.55
C ALA A 918 -1.00 -5.34 -17.27
N HIS A 919 -2.33 -5.28 -17.34
CA HIS A 919 -3.12 -5.62 -16.18
C HIS A 919 -2.93 -7.07 -15.75
N LYS A 920 -2.99 -7.99 -16.70
CA LYS A 920 -2.74 -9.40 -16.36
C LYS A 920 -1.34 -9.57 -15.81
N ALA A 921 -0.36 -8.84 -16.36
CA ALA A 921 1.00 -8.97 -15.85
C ALA A 921 1.08 -8.46 -14.39
N SER A 922 0.36 -7.40 -14.07
CA SER A 922 0.33 -6.96 -12.66
C SER A 922 -0.31 -8.02 -11.80
N GLN A 923 -1.40 -8.61 -12.26
CA GLN A 923 -2.03 -9.66 -11.45
C GLN A 923 -1.09 -10.85 -11.24
N SER A 924 -0.26 -11.15 -12.24
CA SER A 924 0.66 -12.29 -12.14
C SER A 924 1.68 -12.04 -11.04
N LEU A 925 1.99 -10.79 -10.73
CA LEU A 925 2.92 -10.44 -9.66
C LEU A 925 2.23 -10.39 -8.32
N LEU A 926 1.05 -9.79 -8.27
CA LEU A 926 0.43 -9.54 -6.96
C LEU A 926 -0.40 -10.72 -6.47
N ASP A 927 -1.04 -11.44 -7.36
CA ASP A 927 -1.89 -12.56 -6.94
C ASP A 927 -1.59 -13.75 -7.83
N PRO A 928 -0.39 -14.30 -7.71
CA PRO A 928 -0.04 -15.50 -8.49
C PRO A 928 -0.89 -16.69 -8.02
N LEU A 929 -0.80 -17.80 -8.77
CA LEU A 929 -1.33 -19.05 -8.22
C LEU A 929 -0.61 -19.39 -6.95
N ASP A 930 -1.34 -19.96 -5.99
CA ASP A 930 -0.73 -20.54 -4.81
C ASP A 930 -0.43 -22.01 -5.04
N LYS A 931 0.68 -22.49 -4.49
CA LYS A 931 1.11 -23.86 -4.75
C LYS A 931 1.23 -24.59 -3.41
N PHE A 932 0.61 -25.76 -3.36
CA PHE A 932 0.56 -26.61 -2.17
C PHE A 932 1.14 -28.00 -2.48
N ILE A 933 1.99 -28.47 -1.55
CA ILE A 933 2.56 -29.82 -1.73
C ILE A 933 1.99 -30.72 -0.68
N PHE A 934 1.38 -31.84 -1.06
CA PHE A 934 0.79 -32.72 -0.04
C PHE A 934 1.91 -33.27 0.85
N ALA A 935 1.70 -33.19 2.17
CA ALA A 935 2.82 -33.46 3.05
C ALA A 935 2.99 -34.94 3.34
N GLU A 936 1.97 -35.78 3.27
CA GLU A 936 2.18 -37.18 3.63
C GLU A 936 2.29 -38.01 2.38
N ASN A 937 2.45 -39.35 2.56
CA ASN A 937 2.74 -40.14 1.35
C ASN A 937 1.53 -40.39 0.49
N GLU A 938 0.36 -40.55 1.13
CA GLU A 938 -0.86 -40.84 0.38
C GLU A 938 -2.01 -39.94 0.81
N TRP A 939 -2.71 -39.33 -0.14
CA TRP A 939 -3.92 -38.55 0.10
C TRP A 939 -5.14 -39.38 -0.27
N ILE A 940 -5.70 -40.00 0.78
CA ILE A 940 -6.89 -40.82 0.47
C ILE A 940 -8.08 -39.95 0.21
N GLY A 941 -8.86 -40.16 -0.81
CA GLY A 941 -10.11 -39.38 -1.04
C GLY A 941 -9.79 -38.13 -1.87
N ALA A 942 -8.59 -38.00 -2.40
CA ALA A 942 -8.23 -36.78 -3.15
C ALA A 942 -9.13 -36.56 -4.36
N GLN A 943 -9.44 -35.29 -4.62
CA GLN A 943 -10.21 -34.89 -5.77
C GLN A 943 -9.36 -34.01 -6.68
N GLY A 944 -9.78 -33.94 -7.94
CA GLY A 944 -8.94 -33.29 -8.88
C GLY A 944 -9.16 -31.80 -9.04
N GLN A 945 -10.31 -31.31 -8.68
CA GLN A 945 -10.56 -29.89 -8.96
C GLN A 945 -11.63 -29.41 -8.01
N PHE A 946 -11.59 -28.10 -7.76
CA PHE A 946 -12.66 -27.38 -7.09
C PHE A 946 -12.96 -26.10 -7.87
N GLY A 947 -14.23 -25.75 -8.06
CA GLY A 947 -14.58 -24.48 -8.65
C GLY A 947 -14.75 -24.54 -10.15
N GLY A 948 -14.79 -25.72 -10.76
CA GLY A 948 -14.97 -25.75 -12.20
C GLY A 948 -16.27 -25.14 -12.71
N ASP A 949 -17.28 -25.08 -11.83
CA ASP A 949 -18.51 -24.39 -12.27
C ASP A 949 -18.59 -22.97 -11.75
N HIS A 950 -17.53 -22.42 -11.17
CA HIS A 950 -17.53 -20.97 -10.86
C HIS A 950 -17.53 -20.13 -12.15
N PRO A 951 -18.28 -19.02 -12.20
CA PRO A 951 -18.26 -18.16 -13.41
C PRO A 951 -16.91 -17.60 -13.66
N SER A 952 -16.53 -17.56 -14.93
CA SER A 952 -15.24 -16.93 -15.33
C SER A 952 -15.57 -15.55 -15.86
N ALA A 953 -15.27 -14.54 -15.04
CA ALA A 953 -15.79 -13.19 -15.25
C ALA A 953 -14.87 -12.40 -16.19
N ARG A 954 -15.43 -11.36 -16.79
CA ARG A 954 -14.66 -10.51 -17.70
C ARG A 954 -13.39 -10.01 -17.05
N GLU A 955 -12.36 -9.78 -17.86
CA GLU A 955 -10.98 -9.80 -17.38
C GLU A 955 -10.70 -8.63 -16.44
N ASP A 956 -11.49 -7.57 -16.59
CA ASP A 956 -11.28 -6.36 -15.82
C ASP A 956 -11.97 -6.42 -14.44
N LEU A 957 -12.69 -7.49 -14.14
CA LEU A 957 -13.36 -7.58 -12.84
C LEU A 957 -12.59 -8.49 -11.88
N ASP A 958 -12.53 -8.09 -10.62
CA ASP A 958 -11.88 -8.90 -9.59
C ASP A 958 -12.78 -9.00 -8.39
N VAL A 959 -12.69 -10.16 -7.74
CA VAL A 959 -13.25 -10.35 -6.40
C VAL A 959 -12.09 -10.06 -5.45
N SER A 960 -11.95 -8.79 -5.08
CA SER A 960 -10.84 -8.32 -4.29
C SER A 960 -10.82 -8.94 -2.91
N VAL A 961 -12.04 -9.15 -2.33
CA VAL A 961 -12.20 -9.75 -1.02
C VAL A 961 -13.34 -10.73 -1.09
N MET A 962 -13.16 -11.92 -0.50
CA MET A 962 -14.24 -12.82 -0.14
C MET A 962 -13.99 -13.19 1.30
N ARG A 963 -14.95 -12.90 2.18
CA ARG A 963 -14.76 -13.07 3.61
C ARG A 963 -16.06 -13.54 4.25
N ARG A 964 -16.05 -14.71 4.90
CA ARG A 964 -17.24 -15.10 5.69
C ARG A 964 -17.28 -14.25 6.92
N LEU A 965 -18.45 -13.68 7.20
CA LEU A 965 -18.61 -12.67 8.23
C LEU A 965 -19.20 -13.23 9.50
N THR A 966 -19.65 -14.49 9.49
CA THR A 966 -20.32 -15.12 10.64
C THR A 966 -19.57 -16.35 11.09
N LYS A 967 -19.61 -16.61 12.38
CA LYS A 967 -19.09 -17.86 12.92
C LYS A 967 -20.13 -18.99 12.75
N SER A 968 -19.72 -20.21 13.08
CA SER A 968 -20.53 -21.36 12.70
C SER A 968 -21.84 -21.42 13.48
N SER A 969 -21.92 -20.82 14.67
CA SER A 969 -23.20 -20.96 15.39
C SER A 969 -24.28 -20.05 14.85
N ALA A 970 -24.03 -19.14 13.93
CA ALA A 970 -25.07 -18.29 13.35
C ALA A 970 -26.00 -19.06 12.45
N LYS A 971 -27.30 -18.92 12.75
N LYS A 971 -27.33 -19.01 12.67
CA LYS A 971 -28.35 -19.50 11.97
CA LYS A 971 -28.15 -19.78 11.73
C LYS A 971 -28.27 -19.01 10.52
C LYS A 971 -28.30 -19.02 10.42
N THR A 972 -28.10 -17.69 10.37
CA THR A 972 -28.01 -17.04 9.05
C THR A 972 -26.54 -16.75 8.78
N GLN A 973 -25.90 -17.50 7.88
CA GLN A 973 -24.50 -17.22 7.53
C GLN A 973 -24.45 -16.06 6.58
N ARG A 974 -23.38 -15.27 6.68
CA ARG A 974 -23.21 -14.10 5.82
C ARG A 974 -21.81 -14.13 5.23
N VAL A 975 -21.71 -13.88 3.94
CA VAL A 975 -20.41 -13.83 3.24
C VAL A 975 -20.33 -12.48 2.56
N GLY A 976 -19.21 -11.78 2.80
CA GLY A 976 -19.00 -10.47 2.13
C GLY A 976 -18.01 -10.61 0.97
N TYR A 977 -18.32 -9.78 -0.05
CA TYR A 977 -17.49 -9.70 -1.25
C TYR A 977 -17.20 -8.25 -1.58
N VAL A 978 -15.96 -7.96 -1.95
CA VAL A 978 -15.66 -6.62 -2.51
C VAL A 978 -15.34 -6.88 -3.97
N LEU A 979 -16.04 -6.26 -4.88
N LEU A 979 -16.09 -6.25 -4.85
CA LEU A 979 -15.95 -6.43 -6.33
CA LEU A 979 -15.82 -6.35 -6.27
C LEU A 979 -15.36 -5.17 -6.95
C LEU A 979 -15.20 -5.05 -6.75
N HIS A 980 -14.18 -5.24 -7.58
CA HIS A 980 -13.54 -4.08 -8.18
C HIS A 980 -13.41 -4.27 -9.67
N ARG A 981 -13.88 -3.30 -10.46
N ARG A 981 -13.85 -3.29 -10.46
CA ARG A 981 -13.63 -3.35 -11.89
CA ARG A 981 -13.63 -3.35 -11.89
C ARG A 981 -12.65 -2.26 -12.27
C ARG A 981 -12.65 -2.26 -12.27
N THR A 982 -11.55 -2.63 -12.91
CA THR A 982 -10.61 -1.64 -13.39
C THR A 982 -11.10 -1.13 -14.73
N ASN A 983 -10.29 -0.30 -15.39
CA ASN A 983 -10.64 0.10 -16.76
C ASN A 983 -9.44 -0.17 -17.62
N LEU A 984 -9.63 -0.95 -18.65
CA LEU A 984 -8.55 -1.34 -19.55
C LEU A 984 -8.72 -0.64 -20.91
N MET A 985 -7.64 -0.26 -21.53
N MET A 985 -7.61 -0.36 -21.54
CA MET A 985 -7.84 0.40 -22.80
CA MET A 985 -7.53 0.21 -22.88
C MET A 985 -8.27 -0.55 -23.90
C MET A 985 -8.28 -0.60 -23.92
N GLN A 986 -8.95 0.06 -24.85
CA GLN A 986 -9.62 -0.64 -25.92
C GLN A 986 -8.67 -0.47 -27.07
N CYS A 987 -8.05 -1.57 -27.52
CA CYS A 987 -7.05 -1.44 -28.58
C CYS A 987 -7.41 -2.30 -29.78
N GLY A 988 -8.67 -2.69 -29.91
CA GLY A 988 -9.13 -3.47 -31.07
C GLY A 988 -9.12 -4.97 -30.92
N THR A 989 -8.95 -5.43 -29.69
CA THR A 989 -9.01 -6.89 -29.58
C THR A 989 -10.47 -7.25 -29.29
N PRO A 990 -11.04 -8.05 -30.18
CA PRO A 990 -12.46 -8.42 -30.06
C PRO A 990 -12.73 -9.03 -28.70
N GLU A 991 -13.83 -8.65 -28.07
CA GLU A 991 -14.17 -9.13 -26.74
C GLU A 991 -14.61 -10.59 -26.82
N GLU A 992 -14.13 -11.41 -25.89
CA GLU A 992 -14.78 -12.69 -25.62
C GLU A 992 -16.12 -12.51 -24.91
N HIS A 993 -17.18 -13.20 -25.36
CA HIS A 993 -18.22 -13.65 -24.41
C HIS A 993 -17.52 -14.13 -23.16
N THR A 994 -17.92 -13.61 -22.00
CA THR A 994 -17.56 -14.22 -20.72
C THR A 994 -18.84 -14.42 -19.90
N GLN A 995 -18.75 -15.01 -18.71
CA GLN A 995 -19.95 -15.13 -17.92
C GLN A 995 -20.12 -14.06 -16.86
N LYS A 996 -21.37 -13.71 -16.60
N LYS A 996 -21.37 -13.66 -16.63
CA LYS A 996 -21.78 -12.80 -15.54
CA LYS A 996 -21.63 -12.72 -15.56
C LYS A 996 -21.42 -13.42 -14.19
C LYS A 996 -21.29 -13.44 -14.25
N LEU A 997 -20.71 -12.64 -13.38
CA LEU A 997 -20.42 -13.09 -12.01
C LEU A 997 -21.41 -12.44 -11.06
N ASP A 998 -22.20 -13.25 -10.42
CA ASP A 998 -23.12 -12.85 -9.34
C ASP A 998 -22.59 -13.45 -8.06
N VAL A 999 -21.87 -12.60 -7.29
CA VAL A 999 -21.30 -13.21 -6.10
C VAL A 999 -22.29 -13.76 -5.09
N CYS A 1000 -23.51 -13.22 -5.09
CA CYS A 1000 -24.46 -13.70 -4.09
C CYS A 1000 -24.94 -15.11 -4.36
N HIS A 1001 -24.69 -15.68 -5.54
CA HIS A 1001 -25.09 -17.09 -5.75
C HIS A 1001 -23.88 -18.01 -5.79
N LEU A 1002 -22.69 -17.54 -5.29
CA LEU A 1002 -21.54 -18.42 -5.29
C LEU A 1002 -21.68 -19.50 -4.22
N LEU A 1003 -22.38 -19.23 -3.16
CA LEU A 1003 -22.69 -20.22 -2.12
C LEU A 1003 -24.16 -20.54 -2.21
N PRO A 1004 -24.49 -21.78 -1.87
CA PRO A 1004 -25.88 -22.22 -1.98
C PRO A 1004 -26.76 -21.64 -0.89
N ASN A 1005 -28.06 -21.86 -1.12
CA ASN A 1005 -29.13 -21.51 -0.20
C ASN A 1005 -29.14 -20.02 0.09
N VAL A 1006 -28.94 -19.18 -0.94
CA VAL A 1006 -28.96 -17.74 -0.65
C VAL A 1006 -30.38 -17.36 -0.26
N ALA A 1007 -30.50 -16.53 0.77
CA ALA A 1007 -31.76 -16.03 1.27
C ALA A 1007 -31.86 -14.52 1.10
N ARG A 1008 -30.74 -13.82 0.99
CA ARG A 1008 -30.79 -12.36 0.81
C ARG A 1008 -29.45 -11.93 0.22
N CYS A 1009 -29.48 -10.85 -0.58
CA CYS A 1009 -28.25 -10.25 -1.15
C CYS A 1009 -28.42 -8.75 -0.90
N GLU A 1010 -27.40 -8.15 -0.29
CA GLU A 1010 -27.41 -6.73 0.02
C GLU A 1010 -26.15 -6.07 -0.54
N ARG A 1011 -26.30 -4.89 -1.08
CA ARG A 1011 -25.13 -4.02 -1.32
C ARG A 1011 -24.78 -3.33 -0.01
N THR A 1012 -23.53 -3.24 0.36
CA THR A 1012 -23.11 -2.64 1.63
C THR A 1012 -22.00 -1.63 1.35
N THR A 1013 -21.70 -0.83 2.42
CA THR A 1013 -20.45 -0.12 2.41
C THR A 1013 -19.26 -1.10 2.27
N LEU A 1014 -18.08 -0.60 1.89
CA LEU A 1014 -16.96 -1.53 1.60
C LEU A 1014 -16.47 -2.26 2.82
N THR A 1015 -16.77 -1.75 4.01
CA THR A 1015 -16.41 -2.37 5.27
C THR A 1015 -17.43 -3.43 5.69
N PHE A 1016 -18.49 -3.57 4.94
CA PHE A 1016 -19.60 -4.49 5.20
C PHE A 1016 -20.47 -4.02 6.38
N LEU A 1017 -20.30 -2.81 6.92
CA LEU A 1017 -20.97 -2.48 8.17
C LEU A 1017 -22.30 -1.82 8.00
N GLN A 1018 -22.69 -1.40 6.81
CA GLN A 1018 -24.01 -0.79 6.61
C GLN A 1018 -24.65 -1.32 5.34
N ASN A 1019 -25.92 -1.73 5.44
CA ASN A 1019 -26.66 -2.15 4.27
C ASN A 1019 -27.19 -0.93 3.52
N LEU A 1020 -26.89 -0.86 2.23
CA LEU A 1020 -27.26 0.25 1.39
C LEU A 1020 -28.39 -0.12 0.44
N GLU A 1021 -28.56 -1.37 0.03
CA GLU A 1021 -29.62 -1.75 -0.90
C GLU A 1021 -29.93 -3.24 -0.75
N HIS A 1022 -31.19 -3.63 -0.74
CA HIS A 1022 -31.68 -5.00 -0.73
C HIS A 1022 -31.87 -5.37 -2.19
N LEU A 1023 -31.15 -6.36 -2.68
CA LEU A 1023 -31.13 -6.55 -4.12
C LEU A 1023 -32.15 -7.55 -4.61
N ASP A 1024 -32.85 -7.12 -5.64
CA ASP A 1024 -33.80 -7.86 -6.42
C ASP A 1024 -33.21 -9.20 -6.89
N GLY A 1025 -33.99 -10.24 -6.61
CA GLY A 1025 -33.65 -11.59 -7.07
C GLY A 1025 -32.45 -12.17 -6.36
N MET A 1026 -31.98 -11.53 -5.30
CA MET A 1026 -30.75 -11.93 -4.63
C MET A 1026 -29.57 -11.93 -5.59
N VAL A 1027 -29.58 -11.05 -6.59
CA VAL A 1027 -28.49 -10.96 -7.57
C VAL A 1027 -27.64 -9.72 -7.32
N ALA A 1028 -26.33 -9.90 -7.19
CA ALA A 1028 -25.39 -8.80 -7.00
C ALA A 1028 -24.97 -8.34 -8.39
N PRO A 1029 -25.33 -7.14 -8.79
CA PRO A 1029 -24.87 -6.67 -10.10
C PRO A 1029 -23.36 -6.50 -10.16
N GLU A 1030 -22.77 -6.60 -11.34
CA GLU A 1030 -21.37 -6.23 -11.52
C GLU A 1030 -21.28 -4.70 -11.51
N VAL A 1031 -20.09 -4.22 -11.35
CA VAL A 1031 -19.81 -2.84 -11.14
C VAL A 1031 -19.26 -2.23 -12.42
N CYS A 1032 -19.31 -0.91 -12.50
CA CYS A 1032 -18.78 -0.15 -13.60
C CYS A 1032 -17.27 -0.04 -13.61
N PRO A 1033 -16.64 0.28 -14.73
CA PRO A 1033 -15.20 0.52 -14.72
C PRO A 1033 -14.81 1.61 -13.72
N MET A 1034 -13.74 1.30 -13.00
CA MET A 1034 -13.18 2.11 -11.95
C MET A 1034 -14.06 2.18 -10.71
N GLU A 1035 -15.11 1.37 -10.63
CA GLU A 1035 -15.90 1.32 -9.43
C GLU A 1035 -15.60 0.08 -8.59
N THR A 1036 -15.91 0.20 -7.31
CA THR A 1036 -15.73 -0.84 -6.32
C THR A 1036 -17.02 -0.92 -5.52
N ALA A 1037 -17.56 -2.09 -5.31
CA ALA A 1037 -18.82 -2.26 -4.56
C ALA A 1037 -18.61 -3.42 -3.61
N ALA A 1038 -19.44 -3.45 -2.57
CA ALA A 1038 -19.40 -4.58 -1.64
C ALA A 1038 -20.83 -5.15 -1.59
N TYR A 1039 -20.87 -6.45 -1.45
CA TYR A 1039 -22.12 -7.20 -1.30
C TYR A 1039 -21.98 -8.21 -0.19
N VAL A 1040 -23.10 -8.44 0.47
CA VAL A 1040 -23.14 -9.52 1.45
C VAL A 1040 -24.29 -10.44 1.12
N SER A 1041 -23.98 -11.73 1.00
CA SER A 1041 -25.02 -12.73 0.78
C SER A 1041 -25.29 -13.39 2.13
N SER A 1042 -26.62 -13.63 2.35
CA SER A 1042 -27.04 -14.35 3.54
C SER A 1042 -27.61 -15.71 3.15
N HIS A 1043 -27.31 -16.72 3.97
CA HIS A 1043 -27.62 -18.11 3.64
C HIS A 1043 -28.28 -18.78 4.80
N SER A 1044 -29.33 -19.54 4.49
CA SER A 1044 -29.92 -20.27 5.63
C SER A 1044 -29.04 -21.45 6.01
N SER A 1045 -28.67 -21.71 7.28
CA SER A 1045 -27.76 -22.79 7.69
C SER A 1045 -28.20 -23.56 8.92
#